data_1Y04
#
_entry.id   1Y04
#
_entity_poly.entity_id   1
_entity_poly.type   'polypeptide(L)'
_entity_poly.pdbx_seq_one_letter_code
;GSMNAPARAAAKTAADALAAAKKTAADAAAAAAAA
;
_entity_poly.pdbx_strand_id   A
#
# COMPACT_ATOMS: atom_id res chain seq x y z
N GLY A 1 5.54 -24.02 -4.93
CA GLY A 1 5.56 -22.83 -4.06
C GLY A 1 5.59 -21.54 -4.85
N SER A 2 4.54 -21.31 -5.63
CA SER A 2 4.44 -20.12 -6.46
C SER A 2 4.49 -18.86 -5.61
N MET A 3 3.64 -18.81 -4.59
CA MET A 3 3.62 -17.69 -3.66
C MET A 3 4.55 -17.98 -2.49
N ASN A 4 5.40 -17.02 -2.16
CA ASN A 4 6.33 -17.18 -1.05
C ASN A 4 5.65 -16.81 0.25
N ALA A 5 5.52 -17.80 1.13
CA ALA A 5 4.81 -17.62 2.40
C ALA A 5 5.57 -16.72 3.37
N PRO A 6 6.87 -16.97 3.64
CA PRO A 6 7.65 -16.12 4.54
C PRO A 6 7.69 -14.67 4.10
N ALA A 7 7.93 -14.46 2.80
CA ALA A 7 8.02 -13.12 2.24
C ALA A 7 6.68 -12.39 2.34
N ARG A 8 5.59 -13.14 2.17
CA ARG A 8 4.25 -12.56 2.23
C ARG A 8 4.00 -11.85 3.55
N ALA A 9 4.39 -12.49 4.64
CA ALA A 9 4.17 -11.93 5.98
C ALA A 9 5.21 -10.86 6.31
N ALA A 10 6.42 -11.04 5.80
CA ALA A 10 7.51 -10.11 6.08
C ALA A 10 7.31 -8.78 5.35
N ALA A 11 7.05 -8.86 4.05
CA ALA A 11 6.91 -7.67 3.22
C ALA A 11 5.51 -7.08 3.33
N LYS A 12 4.64 -7.75 4.09
CA LYS A 12 3.26 -7.32 4.26
C LYS A 12 3.17 -5.88 4.76
N THR A 13 4.03 -5.54 5.73
CA THR A 13 4.03 -4.19 6.30
C THR A 13 4.43 -3.14 5.26
N ALA A 14 5.34 -3.51 4.38
CA ALA A 14 5.77 -2.61 3.31
C ALA A 14 4.64 -2.41 2.31
N ALA A 15 3.96 -3.51 1.96
CA ALA A 15 2.83 -3.46 1.06
C ALA A 15 1.67 -2.68 1.68
N ASP A 16 1.55 -2.79 3.00
CA ASP A 16 0.52 -2.09 3.76
C ASP A 16 0.71 -0.58 3.64
N ALA A 17 1.93 -0.14 3.88
CA ALA A 17 2.26 1.28 3.82
C ALA A 17 2.10 1.83 2.41
N LEU A 18 2.48 1.03 1.42
CA LEU A 18 2.37 1.44 0.03
C LEU A 18 0.92 1.45 -0.43
N ALA A 19 0.09 0.66 0.23
CA ALA A 19 -1.33 0.61 -0.09
C ALA A 19 -2.02 1.92 0.28
N ALA A 20 -1.40 2.67 1.19
CA ALA A 20 -1.91 3.97 1.57
C ALA A 20 -1.79 4.96 0.42
N ALA A 21 -0.65 4.91 -0.26
CA ALA A 21 -0.39 5.79 -1.39
C ALA A 21 -1.08 5.26 -2.65
N LYS A 22 -1.07 3.95 -2.81
CA LYS A 22 -1.74 3.31 -3.93
C LYS A 22 -3.23 3.61 -3.92
N LYS A 23 -3.78 3.76 -2.71
CA LYS A 23 -5.17 4.13 -2.53
C LYS A 23 -5.45 5.47 -3.23
N THR A 24 -4.61 6.46 -2.95
CA THR A 24 -4.78 7.79 -3.52
C THR A 24 -4.56 7.78 -5.03
N ALA A 25 -3.66 6.91 -5.48
CA ALA A 25 -3.39 6.76 -6.92
C ALA A 25 -4.65 6.28 -7.63
N ALA A 26 -5.31 5.28 -7.06
CA ALA A 26 -6.54 4.75 -7.62
C ALA A 26 -7.69 5.74 -7.40
N ASP A 27 -7.68 6.40 -6.25
CA ASP A 27 -8.71 7.37 -5.89
C ASP A 27 -8.77 8.51 -6.90
N ALA A 28 -7.60 8.97 -7.34
CA ALA A 28 -7.51 10.06 -8.31
C ALA A 28 -8.27 9.72 -9.59
N ALA A 29 -8.27 8.44 -9.94
CA ALA A 29 -9.00 7.97 -11.11
C ALA A 29 -10.48 7.77 -10.78
N ALA A 30 -10.74 7.08 -9.68
CA ALA A 30 -12.10 6.72 -9.28
C ALA A 30 -12.95 7.96 -9.01
N ALA A 31 -12.41 8.89 -8.22
CA ALA A 31 -13.13 10.10 -7.84
C ALA A 31 -13.30 11.04 -9.03
N ALA A 32 -12.50 10.83 -10.06
CA ALA A 32 -12.60 11.62 -11.28
C ALA A 32 -13.71 11.08 -12.17
N ALA A 33 -14.12 9.85 -11.89
CA ALA A 33 -15.19 9.21 -12.65
C ALA A 33 -16.51 9.29 -11.89
N ALA A 34 -16.49 8.80 -10.66
CA ALA A 34 -17.69 8.80 -9.84
C ALA A 34 -17.82 10.12 -9.08
N ALA A 35 -18.19 11.16 -9.81
CA ALA A 35 -18.36 12.48 -9.22
C ALA A 35 -19.64 13.11 -9.73
N GLY A 1 -0.97 -24.38 12.83
CA GLY A 1 -0.75 -23.92 11.44
C GLY A 1 0.70 -23.57 11.20
N SER A 2 1.02 -23.17 9.97
CA SER A 2 2.37 -22.78 9.62
C SER A 2 2.65 -21.36 10.11
N MET A 3 3.92 -21.05 10.37
CA MET A 3 4.31 -19.74 10.85
C MET A 3 4.85 -18.88 9.71
N ASN A 4 4.43 -19.22 8.49
CA ASN A 4 4.89 -18.50 7.30
C ASN A 4 4.18 -17.16 7.17
N ALA A 5 2.87 -17.19 7.27
CA ALA A 5 2.05 -15.98 7.21
C ALA A 5 2.38 -15.04 8.38
N PRO A 6 2.39 -15.53 9.64
CA PRO A 6 2.79 -14.72 10.80
C PRO A 6 4.16 -14.05 10.62
N ALA A 7 5.04 -14.70 9.88
CA ALA A 7 6.37 -14.15 9.63
C ALA A 7 6.29 -13.05 8.57
N ARG A 8 5.41 -13.24 7.60
CA ARG A 8 5.24 -12.29 6.51
C ARG A 8 4.51 -11.03 6.98
N ALA A 9 3.88 -11.11 8.15
CA ALA A 9 3.14 -9.99 8.71
C ALA A 9 4.02 -8.76 8.88
N ALA A 10 5.31 -8.99 9.12
CA ALA A 10 6.27 -7.89 9.27
C ALA A 10 6.42 -7.12 7.96
N ALA A 11 6.48 -7.86 6.86
CA ALA A 11 6.65 -7.25 5.54
C ALA A 11 5.34 -6.67 5.05
N LYS A 12 4.23 -7.17 5.59
CA LYS A 12 2.91 -6.68 5.27
C LYS A 12 2.81 -5.19 5.55
N THR A 13 3.40 -4.77 6.66
CA THR A 13 3.41 -3.36 7.05
C THR A 13 4.10 -2.49 6.00
N ALA A 14 5.19 -2.99 5.44
CA ALA A 14 5.96 -2.25 4.45
C ALA A 14 5.20 -2.14 3.14
N ALA A 15 4.54 -3.23 2.76
CA ALA A 15 3.79 -3.27 1.52
C ALA A 15 2.45 -2.55 1.66
N ASP A 16 1.94 -2.51 2.89
CA ASP A 16 0.66 -1.84 3.18
C ASP A 16 0.75 -0.36 2.83
N ALA A 17 1.88 0.25 3.18
CA ALA A 17 2.11 1.66 2.86
C ALA A 17 2.14 1.87 1.36
N LEU A 18 2.70 0.89 0.64
CA LEU A 18 2.76 0.95 -0.81
C LEU A 18 1.35 0.81 -1.40
N ALA A 19 0.58 -0.11 -0.83
CA ALA A 19 -0.79 -0.34 -1.27
C ALA A 19 -1.67 0.87 -0.96
N ALA A 20 -1.43 1.49 0.18
CA ALA A 20 -2.15 2.70 0.58
C ALA A 20 -1.92 3.80 -0.44
N ALA A 21 -0.68 3.94 -0.89
CA ALA A 21 -0.33 4.94 -1.90
C ALA A 21 -1.05 4.66 -3.22
N LYS A 22 -1.27 3.39 -3.51
CA LYS A 22 -1.99 2.99 -4.71
C LYS A 22 -3.48 3.28 -4.55
N LYS A 23 -3.96 3.16 -3.31
CA LYS A 23 -5.35 3.46 -2.99
C LYS A 23 -5.68 4.89 -3.33
N THR A 24 -4.88 5.79 -2.79
CA THR A 24 -5.03 7.22 -3.03
C THR A 24 -4.84 7.56 -4.51
N ALA A 25 -3.98 6.81 -5.18
CA ALA A 25 -3.75 7.00 -6.61
C ALA A 25 -5.02 6.66 -7.39
N ALA A 26 -5.66 5.56 -7.02
CA ALA A 26 -6.91 5.15 -7.63
C ALA A 26 -8.03 6.12 -7.27
N ASP A 27 -8.03 6.54 -6.01
CA ASP A 27 -9.03 7.45 -5.50
C ASP A 27 -8.97 8.79 -6.23
N ALA A 28 -7.75 9.31 -6.41
CA ALA A 28 -7.57 10.58 -7.09
C ALA A 28 -8.02 10.50 -8.55
N ALA A 29 -7.71 9.37 -9.20
CA ALA A 29 -8.12 9.16 -10.58
C ALA A 29 -9.63 9.07 -10.69
N ALA A 30 -10.26 8.45 -9.69
CA ALA A 30 -11.71 8.33 -9.64
C ALA A 30 -12.36 9.67 -9.29
N ALA A 31 -11.71 10.43 -8.42
CA ALA A 31 -12.18 11.76 -8.05
C ALA A 31 -12.14 12.69 -9.26
N ALA A 32 -11.08 12.56 -10.04
CA ALA A 32 -10.95 13.34 -11.27
C ALA A 32 -11.47 12.55 -12.45
N ALA A 33 -12.65 11.96 -12.28
CA ALA A 33 -13.28 11.17 -13.32
C ALA A 33 -13.57 12.02 -14.55
N ALA A 34 -13.99 13.25 -14.33
CA ALA A 34 -14.29 14.18 -15.41
C ALA A 34 -13.57 15.50 -15.18
N ALA A 35 -12.32 15.41 -14.75
CA ALA A 35 -11.50 16.57 -14.48
C ALA A 35 -10.07 16.28 -14.88
N GLY A 1 9.92 -11.19 2.41
CA GLY A 1 9.58 -10.35 1.24
C GLY A 1 8.79 -11.11 0.20
N SER A 2 9.22 -12.33 -0.11
CA SER A 2 8.59 -13.15 -1.14
C SER A 2 7.14 -13.51 -0.77
N MET A 3 6.40 -14.01 -1.75
CA MET A 3 5.01 -14.38 -1.56
C MET A 3 4.87 -15.71 -0.82
N ASN A 4 5.47 -15.78 0.36
CA ASN A 4 5.33 -16.93 1.24
C ASN A 4 4.65 -16.48 2.53
N ALA A 5 4.09 -17.42 3.27
CA ALA A 5 3.34 -17.08 4.48
C ALA A 5 4.23 -16.37 5.53
N PRO A 6 5.31 -17.02 6.02
CA PRO A 6 6.19 -16.42 7.02
C PRO A 6 7.07 -15.32 6.43
N ALA A 7 7.09 -15.23 5.10
CA ALA A 7 7.91 -14.24 4.41
C ALA A 7 7.16 -12.94 4.23
N ARG A 8 5.85 -12.98 4.42
CA ARG A 8 5.03 -11.78 4.31
C ARG A 8 4.86 -11.13 5.68
N ALA A 9 5.48 -11.72 6.70
CA ALA A 9 5.37 -11.23 8.07
C ALA A 9 6.00 -9.84 8.20
N ALA A 10 7.27 -9.73 7.87
CA ALA A 10 7.98 -8.46 7.98
C ALA A 10 7.83 -7.65 6.70
N ALA A 11 7.18 -8.23 5.71
CA ALA A 11 6.98 -7.58 4.42
C ALA A 11 5.66 -6.83 4.38
N LYS A 12 4.74 -7.19 5.26
CA LYS A 12 3.39 -6.61 5.29
C LYS A 12 3.46 -5.10 5.53
N THR A 13 4.46 -4.66 6.28
CA THR A 13 4.64 -3.25 6.58
C THR A 13 4.80 -2.43 5.31
N ALA A 14 5.69 -2.88 4.43
CA ALA A 14 5.94 -2.19 3.16
C ALA A 14 4.77 -2.38 2.20
N ALA A 15 4.20 -3.59 2.20
CA ALA A 15 3.08 -3.90 1.32
C ALA A 15 1.86 -3.06 1.63
N ASP A 16 1.57 -2.92 2.92
CA ASP A 16 0.43 -2.14 3.37
C ASP A 16 0.62 -0.65 3.09
N ALA A 17 1.83 -0.16 3.34
CA ALA A 17 2.15 1.23 3.07
C ALA A 17 1.98 1.54 1.59
N LEU A 18 2.35 0.59 0.75
CA LEU A 18 2.18 0.73 -0.69
C LEU A 18 0.70 0.74 -1.06
N ALA A 19 -0.07 -0.11 -0.39
CA ALA A 19 -1.51 -0.19 -0.64
C ALA A 19 -2.22 1.08 -0.19
N ALA A 20 -1.68 1.71 0.85
CA ALA A 20 -2.23 2.98 1.33
C ALA A 20 -2.03 4.07 0.29
N ALA A 21 -0.83 4.12 -0.28
CA ALA A 21 -0.51 5.10 -1.29
C ALA A 21 -1.22 4.78 -2.61
N LYS A 22 -1.50 3.49 -2.83
CA LYS A 22 -2.21 3.06 -4.01
C LYS A 22 -3.65 3.58 -4.00
N LYS A 23 -4.22 3.68 -2.80
CA LYS A 23 -5.56 4.18 -2.63
C LYS A 23 -5.63 5.65 -3.05
N THR A 24 -4.63 6.42 -2.66
CA THR A 24 -4.57 7.83 -3.00
C THR A 24 -4.49 8.03 -4.51
N ALA A 25 -3.76 7.15 -5.18
CA ALA A 25 -3.66 7.18 -6.63
C ALA A 25 -4.99 6.79 -7.28
N ALA A 26 -5.58 5.71 -6.77
CA ALA A 26 -6.86 5.22 -7.28
C ALA A 26 -7.97 6.23 -7.05
N ASP A 27 -7.85 6.99 -5.98
CA ASP A 27 -8.81 8.04 -5.65
C ASP A 27 -8.88 9.08 -6.78
N ALA A 28 -7.71 9.48 -7.25
CA ALA A 28 -7.63 10.46 -8.34
C ALA A 28 -7.91 9.82 -9.69
N ALA A 29 -7.46 8.58 -9.85
CA ALA A 29 -7.66 7.84 -11.09
C ALA A 29 -9.14 7.59 -11.36
N ALA A 30 -9.88 7.34 -10.28
CA ALA A 30 -11.32 7.12 -10.40
C ALA A 30 -12.05 8.43 -10.69
N ALA A 31 -11.62 9.50 -10.04
CA ALA A 31 -12.21 10.82 -10.24
C ALA A 31 -12.13 11.23 -11.70
N ALA A 32 -10.92 11.24 -12.24
CA ALA A 32 -10.70 11.57 -13.64
C ALA A 32 -10.49 10.29 -14.44
N ALA A 33 -11.51 9.43 -14.43
CA ALA A 33 -11.43 8.15 -15.13
C ALA A 33 -11.41 8.35 -16.64
N ALA A 34 -12.48 8.91 -17.17
CA ALA A 34 -12.57 9.17 -18.60
C ALA A 34 -12.00 10.55 -18.93
N ALA A 35 -10.73 10.75 -18.60
CA ALA A 35 -10.08 12.03 -18.81
C ALA A 35 -9.21 11.98 -20.05
N GLY A 1 11.67 -23.27 10.80
CA GLY A 1 11.35 -23.18 9.35
C GLY A 1 12.15 -22.09 8.66
N SER A 2 11.78 -21.78 7.44
CA SER A 2 12.44 -20.75 6.68
C SER A 2 11.75 -19.41 6.90
N MET A 3 12.56 -18.37 7.09
CA MET A 3 12.07 -17.00 7.29
C MET A 3 11.48 -16.83 8.70
N ASN A 4 12.21 -16.14 9.55
CA ASN A 4 11.76 -15.83 10.91
C ASN A 4 10.49 -14.99 10.87
N ALA A 5 9.65 -15.13 11.88
CA ALA A 5 8.39 -14.40 11.97
C ALA A 5 8.58 -12.88 11.85
N PRO A 6 9.46 -12.26 12.67
CA PRO A 6 9.75 -10.82 12.58
C PRO A 6 10.22 -10.39 11.19
N ALA A 7 10.90 -11.30 10.48
CA ALA A 7 11.39 -11.02 9.14
C ALA A 7 10.22 -10.84 8.18
N ARG A 8 9.19 -11.67 8.34
CA ARG A 8 7.99 -11.56 7.53
C ARG A 8 7.16 -10.35 7.97
N ALA A 9 7.23 -10.06 9.26
CA ALA A 9 6.53 -8.91 9.82
C ALA A 9 7.09 -7.60 9.27
N ALA A 10 8.41 -7.54 9.15
CA ALA A 10 9.09 -6.36 8.64
C ALA A 10 8.85 -6.18 7.15
N ALA A 11 8.40 -7.24 6.50
CA ALA A 11 8.11 -7.18 5.07
C ALA A 11 6.72 -6.64 4.82
N LYS A 12 5.86 -6.77 5.82
CA LYS A 12 4.46 -6.35 5.70
C LYS A 12 4.33 -4.84 5.60
N THR A 13 5.23 -4.11 6.26
CA THR A 13 5.16 -2.66 6.30
C THR A 13 5.28 -2.05 4.91
N ALA A 14 5.99 -2.72 4.02
CA ALA A 14 6.14 -2.26 2.65
C ALA A 14 4.83 -2.43 1.87
N ALA A 15 4.18 -3.57 2.09
CA ALA A 15 2.94 -3.87 1.40
C ALA A 15 1.78 -3.05 1.98
N ASP A 16 1.81 -2.86 3.29
CA ASP A 16 0.78 -2.09 3.99
C ASP A 16 0.72 -0.67 3.44
N ALA A 17 1.88 -0.03 3.39
CA ALA A 17 1.98 1.34 2.88
C ALA A 17 1.55 1.39 1.41
N LEU A 18 1.92 0.36 0.66
CA LEU A 18 1.57 0.27 -0.75
C LEU A 18 0.06 0.23 -0.95
N ALA A 19 -0.63 -0.51 -0.08
CA ALA A 19 -2.07 -0.64 -0.16
C ALA A 19 -2.75 0.72 0.05
N ALA A 20 -2.20 1.51 0.96
CA ALA A 20 -2.73 2.83 1.24
C ALA A 20 -2.44 3.79 0.10
N ALA A 21 -1.25 3.67 -0.49
CA ALA A 21 -0.85 4.50 -1.61
C ALA A 21 -1.68 4.20 -2.84
N LYS A 22 -2.14 2.95 -2.94
CA LYS A 22 -3.00 2.56 -4.05
C LYS A 22 -4.36 3.23 -3.93
N LYS A 23 -4.75 3.60 -2.71
CA LYS A 23 -6.00 4.28 -2.48
C LYS A 23 -5.92 5.72 -2.96
N THR A 24 -4.80 6.37 -2.69
CA THR A 24 -4.58 7.73 -3.14
C THR A 24 -4.46 7.79 -4.66
N ALA A 25 -3.81 6.78 -5.23
CA ALA A 25 -3.67 6.67 -6.67
C ALA A 25 -5.03 6.50 -7.33
N ALA A 26 -5.84 5.59 -6.79
CA ALA A 26 -7.17 5.33 -7.32
C ALA A 26 -8.04 6.58 -7.22
N ASP A 27 -7.92 7.29 -6.11
CA ASP A 27 -8.69 8.51 -5.90
C ASP A 27 -8.33 9.57 -6.93
N ALA A 28 -7.03 9.77 -7.13
CA ALA A 28 -6.55 10.73 -8.10
C ALA A 28 -6.95 10.32 -9.52
N ALA A 29 -6.80 9.03 -9.82
CA ALA A 29 -7.14 8.49 -11.13
C ALA A 29 -8.63 8.65 -11.40
N ALA A 30 -9.43 8.50 -10.36
CA ALA A 30 -10.88 8.70 -10.48
C ALA A 30 -11.18 10.14 -10.88
N ALA A 31 -10.47 11.08 -10.27
CA ALA A 31 -10.63 12.49 -10.58
C ALA A 31 -10.10 12.79 -11.98
N ALA A 32 -8.99 12.16 -12.34
CA ALA A 32 -8.39 12.33 -13.65
C ALA A 32 -9.31 11.85 -14.76
N ALA A 33 -9.96 10.70 -14.54
CA ALA A 33 -10.87 10.13 -15.51
C ALA A 33 -12.21 10.88 -15.53
N ALA A 34 -12.32 11.89 -14.66
CA ALA A 34 -13.50 12.74 -14.63
C ALA A 34 -13.15 14.14 -15.11
N ALA A 35 -11.91 14.33 -15.51
CA ALA A 35 -11.44 15.63 -15.96
C ALA A 35 -11.13 15.59 -17.44
N GLY A 1 21.28 9.02 9.45
CA GLY A 1 21.28 9.70 8.14
C GLY A 1 20.27 9.08 7.18
N SER A 2 19.55 9.94 6.47
CA SER A 2 18.55 9.52 5.50
C SER A 2 17.46 8.66 6.16
N MET A 3 16.86 7.77 5.38
CA MET A 3 15.82 6.89 5.88
C MET A 3 16.35 5.48 6.02
N ASN A 4 17.53 5.35 6.63
CA ASN A 4 18.20 4.07 6.74
C ASN A 4 17.38 3.08 7.59
N ALA A 5 16.83 3.57 8.67
CA ALA A 5 16.04 2.74 9.57
C ALA A 5 14.72 2.30 8.91
N PRO A 6 13.89 3.25 8.39
CA PRO A 6 12.65 2.90 7.69
C PRO A 6 12.88 1.96 6.50
N ALA A 7 14.05 2.09 5.89
CA ALA A 7 14.40 1.24 4.74
C ALA A 7 14.62 -0.20 5.18
N ARG A 8 15.08 -0.40 6.40
CA ARG A 8 15.30 -1.74 6.93
C ARG A 8 13.99 -2.37 7.36
N ALA A 9 13.07 -1.54 7.83
CA ALA A 9 11.76 -1.99 8.28
C ALA A 9 10.77 -2.02 7.11
N ALA A 10 11.25 -1.60 5.93
CA ALA A 10 10.41 -1.44 4.74
C ALA A 10 9.70 -2.72 4.34
N ALA A 11 10.16 -3.86 4.85
CA ALA A 11 9.51 -5.13 4.58
C ALA A 11 8.02 -5.08 4.96
N LYS A 12 7.72 -4.45 6.08
CA LYS A 12 6.34 -4.27 6.51
C LYS A 12 5.71 -3.07 5.80
N THR A 13 6.46 -1.97 5.75
CA THR A 13 5.95 -0.72 5.18
C THR A 13 5.57 -0.87 3.70
N ALA A 14 6.31 -1.70 2.97
CA ALA A 14 6.02 -1.94 1.56
C ALA A 14 4.64 -2.54 1.38
N ALA A 15 4.30 -3.51 2.22
CA ALA A 15 3.02 -4.18 2.14
C ALA A 15 1.90 -3.25 2.60
N ASP A 16 2.17 -2.50 3.67
CA ASP A 16 1.19 -1.58 4.22
C ASP A 16 0.87 -0.46 3.23
N ALA A 17 1.91 0.12 2.66
CA ALA A 17 1.77 1.21 1.70
C ALA A 17 1.03 0.75 0.45
N LEU A 18 1.25 -0.50 0.05
CA LEU A 18 0.61 -1.04 -1.14
C LEU A 18 -0.90 -1.14 -0.93
N ALA A 19 -1.30 -1.46 0.30
CA ALA A 19 -2.70 -1.55 0.65
C ALA A 19 -3.33 -0.17 0.70
N ALA A 20 -2.61 0.78 1.30
CA ALA A 20 -3.07 2.16 1.40
C ALA A 20 -3.19 2.80 0.02
N ALA A 21 -2.20 2.51 -0.83
CA ALA A 21 -2.15 3.07 -2.19
C ALA A 21 -3.38 2.68 -3.00
N LYS A 22 -3.97 1.54 -2.67
CA LYS A 22 -5.17 1.07 -3.36
C LYS A 22 -6.30 2.08 -3.22
N LYS A 23 -6.30 2.82 -2.12
CA LYS A 23 -7.30 3.85 -1.90
C LYS A 23 -6.88 5.15 -2.59
N THR A 24 -5.62 5.51 -2.43
CA THR A 24 -5.08 6.76 -2.97
C THR A 24 -5.02 6.75 -4.50
N ALA A 25 -5.08 5.57 -5.08
CA ALA A 25 -5.02 5.39 -6.52
C ALA A 25 -6.03 6.28 -7.25
N ALA A 26 -7.29 6.24 -6.80
CA ALA A 26 -8.35 7.02 -7.41
C ALA A 26 -8.07 8.51 -7.33
N ASP A 27 -7.40 8.93 -6.27
CA ASP A 27 -7.08 10.35 -6.07
C ASP A 27 -5.89 10.75 -6.95
N ALA A 28 -4.83 9.95 -6.88
CA ALA A 28 -3.60 10.22 -7.63
C ALA A 28 -3.86 10.22 -9.14
N ALA A 29 -4.77 9.35 -9.58
CA ALA A 29 -5.12 9.26 -11.00
C ALA A 29 -5.69 10.57 -11.52
N ALA A 30 -6.55 11.19 -10.72
CA ALA A 30 -7.19 12.43 -11.12
C ALA A 30 -6.25 13.61 -10.96
N ALA A 31 -5.31 13.50 -10.02
CA ALA A 31 -4.37 14.57 -9.72
C ALA A 31 -3.27 14.66 -10.78
N ALA A 32 -3.23 13.68 -11.67
CA ALA A 32 -2.21 13.62 -12.72
C ALA A 32 -2.49 14.65 -13.82
N ALA A 33 -3.63 15.31 -13.72
CA ALA A 33 -4.02 16.32 -14.71
C ALA A 33 -3.62 17.72 -14.26
N ALA A 34 -2.77 17.78 -13.24
CA ALA A 34 -2.30 19.06 -12.71
C ALA A 34 -0.78 19.15 -12.76
N ALA A 35 -0.23 18.81 -13.92
CA ALA A 35 1.20 18.82 -14.11
C ALA A 35 1.58 19.62 -15.35
N GLY A 1 -1.81 -22.64 1.23
CA GLY A 1 -1.50 -21.32 1.83
C GLY A 1 -2.08 -21.18 3.23
N SER A 2 -1.36 -20.54 4.11
CA SER A 2 -1.84 -20.33 5.48
C SER A 2 -2.94 -19.28 5.51
N MET A 3 -4.14 -19.69 5.90
CA MET A 3 -5.28 -18.78 5.93
C MET A 3 -5.28 -17.96 7.23
N ASN A 4 -4.17 -17.29 7.48
CA ASN A 4 -4.04 -16.41 8.63
C ASN A 4 -3.95 -14.98 8.17
N ALA A 5 -4.76 -14.12 8.77
CA ALA A 5 -4.85 -12.73 8.32
C ALA A 5 -4.01 -11.79 9.18
N PRO A 6 -4.24 -11.73 10.52
CA PRO A 6 -3.52 -10.79 11.40
C PRO A 6 -2.01 -11.02 11.39
N ALA A 7 -1.62 -12.28 11.37
CA ALA A 7 -0.21 -12.65 11.38
C ALA A 7 0.52 -12.08 10.17
N ARG A 8 -0.07 -12.24 9.00
CA ARG A 8 0.56 -11.79 7.78
C ARG A 8 0.45 -10.28 7.63
N ALA A 9 -0.66 -9.72 8.07
CA ALA A 9 -0.89 -8.29 7.96
C ALA A 9 0.06 -7.51 8.85
N ALA A 10 0.46 -8.12 9.97
CA ALA A 10 1.36 -7.48 10.91
C ALA A 10 2.67 -7.08 10.23
N ALA A 11 3.30 -8.03 9.55
CA ALA A 11 4.57 -7.77 8.88
C ALA A 11 4.37 -7.24 7.47
N LYS A 12 3.12 -7.18 7.03
CA LYS A 12 2.78 -6.69 5.70
C LYS A 12 2.70 -5.17 5.67
N THR A 13 2.74 -4.54 6.85
CA THR A 13 2.47 -3.11 7.00
C THR A 13 3.26 -2.24 6.02
N ALA A 14 4.57 -2.50 5.89
CA ALA A 14 5.41 -1.73 4.99
C ALA A 14 4.94 -1.84 3.53
N ALA A 15 4.63 -3.07 3.12
CA ALA A 15 4.16 -3.31 1.76
C ALA A 15 2.74 -2.78 1.59
N ASP A 16 1.96 -2.86 2.66
CA ASP A 16 0.58 -2.37 2.67
C ASP A 16 0.56 -0.86 2.52
N ALA A 17 1.52 -0.19 3.15
CA ALA A 17 1.65 1.26 3.06
C ALA A 17 1.92 1.68 1.62
N LEU A 18 2.73 0.89 0.91
CA LEU A 18 3.00 1.15 -0.50
C LEU A 18 1.74 0.91 -1.32
N ALA A 19 1.00 -0.13 -0.97
CA ALA A 19 -0.26 -0.45 -1.64
C ALA A 19 -1.26 0.69 -1.46
N ALA A 20 -1.30 1.25 -0.25
CA ALA A 20 -2.16 2.39 0.03
C ALA A 20 -1.71 3.62 -0.74
N ALA A 21 -0.40 3.77 -0.90
CA ALA A 21 0.17 4.88 -1.66
C ALA A 21 -0.17 4.75 -3.15
N LYS A 22 -0.31 3.51 -3.60
CA LYS A 22 -0.71 3.25 -4.98
C LYS A 22 -2.22 3.44 -5.12
N LYS A 23 -2.93 3.18 -4.03
CA LYS A 23 -4.38 3.30 -4.00
C LYS A 23 -4.82 4.74 -4.18
N THR A 24 -4.18 5.61 -3.43
CA THR A 24 -4.55 7.03 -3.37
C THR A 24 -4.54 7.69 -4.75
N ALA A 25 -3.66 7.21 -5.62
CA ALA A 25 -3.57 7.72 -6.99
C ALA A 25 -4.87 7.46 -7.75
N ALA A 26 -5.35 6.23 -7.70
CA ALA A 26 -6.56 5.85 -8.40
C ALA A 26 -7.80 6.25 -7.61
N ASP A 27 -7.66 6.25 -6.29
CA ASP A 27 -8.76 6.63 -5.38
C ASP A 27 -9.22 8.06 -5.65
N ALA A 28 -8.25 8.93 -5.94
CA ALA A 28 -8.55 10.32 -6.27
C ALA A 28 -9.48 10.41 -7.48
N ALA A 29 -9.20 9.59 -8.49
CA ALA A 29 -10.00 9.56 -9.71
C ALA A 29 -11.38 8.95 -9.42
N ALA A 30 -11.42 7.97 -8.54
CA ALA A 30 -12.67 7.32 -8.16
C ALA A 30 -13.59 8.29 -7.44
N ALA A 31 -13.00 9.18 -6.65
CA ALA A 31 -13.77 10.15 -5.87
C ALA A 31 -14.40 11.22 -6.75
N ALA A 32 -14.04 11.22 -8.03
CA ALA A 32 -14.58 12.17 -8.98
C ALA A 32 -15.92 11.70 -9.54
N ALA A 33 -16.30 10.47 -9.20
CA ALA A 33 -17.54 9.88 -9.69
C ALA A 33 -18.75 10.54 -9.05
N ALA A 34 -18.60 10.97 -7.81
CA ALA A 34 -19.69 11.62 -7.08
C ALA A 34 -19.58 13.14 -7.13
N ALA A 35 -18.67 13.61 -7.98
CA ALA A 35 -18.44 15.03 -8.12
C ALA A 35 -19.07 15.54 -9.41
N GLY A 1 2.62 -24.33 0.40
CA GLY A 1 3.33 -23.59 1.47
C GLY A 1 4.65 -23.03 0.98
N SER A 2 4.63 -22.39 -0.19
CA SER A 2 5.83 -21.81 -0.76
C SER A 2 5.95 -20.33 -0.38
N MET A 3 5.80 -20.06 0.91
CA MET A 3 5.89 -18.69 1.42
C MET A 3 6.49 -18.70 2.81
N ASN A 4 7.58 -17.97 2.99
CA ASN A 4 8.23 -17.88 4.29
C ASN A 4 7.50 -16.89 5.17
N ALA A 5 7.01 -17.37 6.30
CA ALA A 5 6.22 -16.55 7.22
C ALA A 5 6.95 -15.27 7.67
N PRO A 6 8.21 -15.36 8.15
CA PRO A 6 8.98 -14.17 8.54
C PRO A 6 9.12 -13.17 7.41
N ALA A 7 9.37 -13.68 6.21
CA ALA A 7 9.56 -12.82 5.04
C ALA A 7 8.25 -12.14 4.66
N ARG A 8 7.16 -12.90 4.70
CA ARG A 8 5.84 -12.36 4.38
C ARG A 8 5.42 -11.30 5.40
N ALA A 9 5.70 -11.59 6.67
CA ALA A 9 5.35 -10.67 7.75
C ALA A 9 6.16 -9.38 7.66
N ALA A 10 7.42 -9.49 7.26
CA ALA A 10 8.28 -8.32 7.11
C ALA A 10 7.93 -7.53 5.87
N ALA A 11 7.19 -8.16 4.97
CA ALA A 11 6.75 -7.52 3.74
C ALA A 11 5.38 -6.86 3.93
N LYS A 12 4.66 -7.30 4.95
CA LYS A 12 3.32 -6.80 5.23
C LYS A 12 3.35 -5.29 5.51
N THR A 13 4.38 -4.86 6.22
CA THR A 13 4.56 -3.45 6.53
C THR A 13 4.72 -2.62 5.25
N ALA A 14 5.53 -3.12 4.33
CA ALA A 14 5.79 -2.42 3.08
C ALA A 14 4.56 -2.44 2.19
N ALA A 15 3.91 -3.60 2.10
CA ALA A 15 2.71 -3.75 1.29
C ALA A 15 1.58 -2.85 1.80
N ASP A 16 1.49 -2.72 3.12
CA ASP A 16 0.49 -1.88 3.75
C ASP A 16 0.64 -0.44 3.31
N ALA A 17 1.86 0.08 3.44
CA ALA A 17 2.16 1.46 3.07
C ALA A 17 1.99 1.66 1.56
N LEU A 18 2.40 0.66 0.79
CA LEU A 18 2.29 0.71 -0.67
C LEU A 18 0.83 0.82 -1.09
N ALA A 19 -0.01 -0.03 -0.51
CA ALA A 19 -1.43 -0.04 -0.83
C ALA A 19 -2.11 1.25 -0.37
N ALA A 20 -1.61 1.80 0.73
CA ALA A 20 -2.14 3.06 1.26
C ALA A 20 -1.92 4.19 0.27
N ALA A 21 -0.69 4.30 -0.24
CA ALA A 21 -0.36 5.33 -1.23
C ALA A 21 -1.04 5.04 -2.56
N LYS A 22 -1.22 3.75 -2.84
CA LYS A 22 -1.93 3.31 -4.04
C LYS A 22 -3.39 3.76 -4.00
N LYS A 23 -3.98 3.71 -2.81
CA LYS A 23 -5.37 4.08 -2.61
C LYS A 23 -5.60 5.53 -3.04
N THR A 24 -4.70 6.42 -2.66
CA THR A 24 -4.81 7.84 -3.01
C THR A 24 -4.71 8.03 -4.52
N ALA A 25 -3.86 7.24 -5.15
CA ALA A 25 -3.69 7.31 -6.59
C ALA A 25 -4.91 6.77 -7.32
N ALA A 26 -5.43 5.65 -6.83
CA ALA A 26 -6.62 5.02 -7.40
C ALA A 26 -7.84 5.91 -7.22
N ASP A 27 -7.88 6.61 -6.08
CA ASP A 27 -8.96 7.54 -5.78
C ASP A 27 -8.94 8.71 -6.77
N ALA A 28 -7.73 9.19 -7.06
CA ALA A 28 -7.56 10.26 -8.04
C ALA A 28 -7.92 9.78 -9.45
N ALA A 29 -7.53 8.55 -9.75
CA ALA A 29 -7.83 7.93 -11.05
C ALA A 29 -9.33 7.72 -11.22
N ALA A 30 -10.03 7.57 -10.09
CA ALA A 30 -11.48 7.42 -10.12
C ALA A 30 -12.14 8.72 -10.56
N ALA A 31 -11.57 9.83 -10.11
CA ALA A 31 -12.06 11.14 -10.50
C ALA A 31 -11.66 11.48 -11.93
N ALA A 32 -10.36 11.34 -12.21
CA ALA A 32 -9.83 11.60 -13.54
C ALA A 32 -9.92 10.36 -14.41
N ALA A 33 -11.10 9.76 -14.43
CA ALA A 33 -11.33 8.53 -15.19
C ALA A 33 -11.58 8.83 -16.66
N ALA A 34 -11.30 10.06 -17.06
CA ALA A 34 -11.48 10.49 -18.43
C ALA A 34 -10.19 11.13 -18.95
N ALA A 35 -9.09 10.41 -18.79
CA ALA A 35 -7.79 10.90 -19.20
C ALA A 35 -6.91 9.74 -19.64
N GLY A 1 22.12 -16.68 17.60
CA GLY A 1 21.90 -17.07 16.19
C GLY A 1 21.22 -15.98 15.39
N SER A 2 21.56 -15.90 14.11
CA SER A 2 20.98 -14.90 13.23
C SER A 2 19.73 -15.45 12.55
N MET A 3 18.60 -15.37 13.23
CA MET A 3 17.34 -15.89 12.72
C MET A 3 16.54 -14.78 12.06
N ASN A 4 16.06 -15.00 10.84
CA ASN A 4 15.29 -13.99 10.13
C ASN A 4 13.84 -13.99 10.58
N ALA A 5 13.62 -13.42 11.73
CA ALA A 5 12.29 -13.30 12.30
C ALA A 5 11.74 -11.87 12.14
N PRO A 6 12.51 -10.82 12.55
CA PRO A 6 12.05 -9.43 12.44
C PRO A 6 11.81 -9.00 10.99
N ALA A 7 12.30 -9.80 10.05
CA ALA A 7 12.12 -9.54 8.64
C ALA A 7 10.64 -9.66 8.26
N ARG A 8 9.90 -10.45 9.03
CA ARG A 8 8.48 -10.65 8.80
C ARG A 8 7.72 -9.35 8.98
N ALA A 9 8.11 -8.59 9.99
CA ALA A 9 7.48 -7.29 10.26
C ALA A 9 7.78 -6.30 9.15
N ALA A 10 8.98 -6.39 8.58
CA ALA A 10 9.41 -5.47 7.53
C ALA A 10 8.58 -5.64 6.27
N ALA A 11 8.21 -6.88 5.98
CA ALA A 11 7.38 -7.18 4.83
C ALA A 11 5.97 -6.62 5.02
N LYS A 12 5.51 -6.62 6.27
CA LYS A 12 4.18 -6.13 6.60
C LYS A 12 4.07 -4.63 6.34
N THR A 13 5.08 -3.88 6.76
CA THR A 13 5.08 -2.42 6.58
C THR A 13 5.05 -2.06 5.10
N ALA A 14 5.86 -2.76 4.31
CA ALA A 14 5.94 -2.50 2.88
C ALA A 14 4.60 -2.74 2.20
N ALA A 15 3.96 -3.86 2.53
CA ALA A 15 2.68 -4.22 1.94
C ALA A 15 1.61 -3.19 2.28
N ASP A 16 1.59 -2.76 3.53
CA ASP A 16 0.60 -1.80 3.99
C ASP A 16 0.78 -0.44 3.32
N ALA A 17 2.01 0.00 3.24
CA ALA A 17 2.33 1.28 2.60
C ALA A 17 1.94 1.26 1.12
N LEU A 18 2.25 0.15 0.45
CA LEU A 18 1.95 0.00 -0.96
C LEU A 18 0.45 0.07 -1.22
N ALA A 19 -0.33 -0.54 -0.33
CA ALA A 19 -1.78 -0.55 -0.46
C ALA A 19 -2.36 0.85 -0.36
N ALA A 20 -1.87 1.62 0.60
CA ALA A 20 -2.36 2.98 0.82
C ALA A 20 -2.02 3.88 -0.36
N ALA A 21 -0.79 3.78 -0.84
CA ALA A 21 -0.31 4.59 -1.95
C ALA A 21 -1.18 4.40 -3.18
N LYS A 22 -1.46 3.14 -3.52
CA LYS A 22 -2.25 2.83 -4.71
C LYS A 22 -3.72 3.20 -4.52
N LYS A 23 -4.24 2.92 -3.33
CA LYS A 23 -5.64 3.18 -3.02
C LYS A 23 -6.00 4.66 -3.21
N THR A 24 -5.17 5.54 -2.66
CA THR A 24 -5.41 6.97 -2.76
C THR A 24 -5.13 7.49 -4.17
N ALA A 25 -4.20 6.84 -4.86
CA ALA A 25 -3.84 7.26 -6.21
C ALA A 25 -5.00 7.07 -7.18
N ALA A 26 -5.62 5.90 -7.11
CA ALA A 26 -6.75 5.58 -7.97
C ALA A 26 -7.92 6.52 -7.74
N ASP A 27 -8.13 6.89 -6.48
CA ASP A 27 -9.25 7.75 -6.11
C ASP A 27 -9.12 9.12 -6.76
N ALA A 28 -7.91 9.68 -6.73
CA ALA A 28 -7.65 10.99 -7.29
C ALA A 28 -7.54 10.94 -8.81
N ALA A 29 -7.19 9.76 -9.33
CA ALA A 29 -6.97 9.59 -10.77
C ALA A 29 -8.25 9.78 -11.56
N ALA A 30 -9.38 9.42 -10.96
CA ALA A 30 -10.68 9.52 -11.62
C ALA A 30 -11.03 10.97 -11.93
N ALA A 31 -10.58 11.88 -11.06
CA ALA A 31 -10.86 13.30 -11.24
C ALA A 31 -10.03 13.88 -12.36
N ALA A 32 -8.94 13.21 -12.72
CA ALA A 32 -8.04 13.68 -13.75
C ALA A 32 -8.48 13.22 -15.13
N ALA A 33 -9.58 12.49 -15.19
CA ALA A 33 -10.12 11.99 -16.45
C ALA A 33 -10.59 13.15 -17.32
N ALA A 34 -11.10 14.19 -16.67
CA ALA A 34 -11.56 15.38 -17.37
C ALA A 34 -10.77 16.60 -16.93
N ALA A 35 -9.50 16.37 -16.61
CA ALA A 35 -8.61 17.42 -16.15
C ALA A 35 -7.23 17.23 -16.77
N GLY A 1 15.66 -7.35 22.68
CA GLY A 1 15.59 -7.81 21.27
C GLY A 1 14.30 -7.37 20.59
N SER A 2 13.70 -8.26 19.81
CA SER A 2 12.47 -7.95 19.12
C SER A 2 11.28 -8.59 19.82
N MET A 3 11.09 -8.24 21.09
CA MET A 3 9.93 -8.71 21.84
C MET A 3 8.82 -7.68 21.78
N ASN A 4 9.06 -6.62 21.00
CA ASN A 4 8.07 -5.57 20.82
C ASN A 4 7.22 -5.83 19.59
N ALA A 5 5.91 -5.80 19.77
CA ALA A 5 4.97 -6.08 18.69
C ALA A 5 5.12 -5.12 17.49
N PRO A 6 5.12 -3.78 17.71
CA PRO A 6 5.21 -2.81 16.61
C PRO A 6 6.44 -3.03 15.71
N ALA A 7 7.52 -3.49 16.31
CA ALA A 7 8.76 -3.73 15.57
C ALA A 7 8.63 -4.97 14.68
N ARG A 8 7.90 -5.97 15.15
CA ARG A 8 7.76 -7.23 14.44
C ARG A 8 6.88 -7.06 13.19
N ALA A 9 5.98 -6.10 13.24
CA ALA A 9 5.07 -5.84 12.12
C ALA A 9 5.62 -4.79 11.16
N ALA A 10 6.65 -4.05 11.61
CA ALA A 10 7.14 -2.86 10.91
C ALA A 10 7.40 -3.09 9.42
N ALA A 11 8.10 -4.16 9.07
CA ALA A 11 8.48 -4.41 7.70
C ALA A 11 7.31 -4.97 6.89
N LYS A 12 6.30 -5.48 7.58
CA LYS A 12 5.13 -6.04 6.94
C LYS A 12 4.17 -4.95 6.52
N THR A 13 3.83 -4.07 7.46
CA THR A 13 2.91 -2.97 7.18
C THR A 13 3.54 -1.98 6.19
N ALA A 14 4.87 -2.00 6.09
CA ALA A 14 5.56 -1.20 5.11
C ALA A 14 5.20 -1.65 3.70
N ALA A 15 5.05 -2.96 3.53
CA ALA A 15 4.64 -3.52 2.26
C ALA A 15 3.15 -3.28 2.03
N ASP A 16 2.39 -3.35 3.12
CA ASP A 16 0.95 -3.08 3.06
C ASP A 16 0.68 -1.64 2.63
N ALA A 17 1.60 -0.76 2.99
CA ALA A 17 1.48 0.66 2.65
C ALA A 17 1.56 0.87 1.14
N LEU A 18 2.24 -0.05 0.45
CA LEU A 18 2.36 0.02 -1.00
C LEU A 18 0.99 -0.13 -1.65
N ALA A 19 0.15 -0.98 -1.05
CA ALA A 19 -1.20 -1.18 -1.54
C ALA A 19 -2.05 0.06 -1.30
N ALA A 20 -1.77 0.74 -0.19
CA ALA A 20 -2.47 1.97 0.15
C ALA A 20 -2.05 3.11 -0.79
N ALA A 21 -0.80 3.07 -1.22
CA ALA A 21 -0.27 4.06 -2.16
C ALA A 21 -1.02 3.97 -3.49
N LYS A 22 -1.37 2.76 -3.88
CA LYS A 22 -2.11 2.52 -5.12
C LYS A 22 -3.51 3.13 -5.05
N LYS A 23 -4.06 3.13 -3.84
CA LYS A 23 -5.41 3.65 -3.61
C LYS A 23 -5.45 5.16 -3.90
N THR A 24 -4.41 5.87 -3.47
CA THR A 24 -4.34 7.32 -3.66
C THR A 24 -4.44 7.70 -5.13
N ALA A 25 -3.88 6.86 -6.00
CA ALA A 25 -3.91 7.13 -7.44
C ALA A 25 -5.33 7.06 -7.99
N ALA A 26 -6.10 6.08 -7.50
CA ALA A 26 -7.48 5.92 -7.92
C ALA A 26 -8.38 6.95 -7.25
N ASP A 27 -8.06 7.24 -6.00
CA ASP A 27 -8.80 8.23 -5.21
C ASP A 27 -8.75 9.60 -5.87
N ALA A 28 -7.56 9.99 -6.30
CA ALA A 28 -7.35 11.28 -6.95
C ALA A 28 -8.21 11.41 -8.21
N ALA A 29 -8.34 10.32 -8.95
CA ALA A 29 -9.10 10.30 -10.18
C ALA A 29 -10.58 10.55 -9.92
N ALA A 30 -11.10 9.94 -8.86
CA ALA A 30 -12.50 10.11 -8.49
C ALA A 30 -12.73 11.50 -7.90
N ALA A 31 -11.77 11.97 -7.11
CA ALA A 31 -11.86 13.28 -6.49
C ALA A 31 -11.93 14.38 -7.54
N ALA A 32 -11.23 14.16 -8.66
CA ALA A 32 -11.24 15.12 -9.77
C ALA A 32 -12.64 15.26 -10.36
N ALA A 33 -13.41 14.18 -10.27
CA ALA A 33 -14.77 14.18 -10.78
C ALA A 33 -15.78 14.40 -9.66
N ALA A 34 -15.29 14.82 -8.51
CA ALA A 34 -16.14 15.08 -7.36
C ALA A 34 -16.10 16.56 -7.00
N ALA A 35 -15.72 17.37 -7.97
CA ALA A 35 -15.61 18.81 -7.77
C ALA A 35 -16.55 19.53 -8.73
N GLY A 1 20.42 -13.44 13.29
CA GLY A 1 20.56 -14.58 12.36
C GLY A 1 19.30 -14.84 11.55
N SER A 2 18.72 -16.02 11.72
CA SER A 2 17.57 -16.44 10.93
C SER A 2 16.28 -15.74 11.35
N MET A 3 16.36 -14.92 12.39
CA MET A 3 15.22 -14.12 12.82
C MET A 3 15.60 -12.64 12.87
N ASN A 4 14.99 -11.86 12.01
CA ASN A 4 15.32 -10.45 11.89
C ASN A 4 14.13 -9.58 12.25
N ALA A 5 14.29 -8.75 13.26
CA ALA A 5 13.23 -7.84 13.69
C ALA A 5 13.05 -6.68 12.71
N PRO A 6 14.14 -5.96 12.32
CA PRO A 6 14.05 -4.86 11.34
C PRO A 6 13.41 -5.29 10.02
N ALA A 7 13.48 -6.58 9.72
CA ALA A 7 12.88 -7.13 8.51
C ALA A 7 11.36 -6.95 8.54
N ARG A 8 10.78 -7.13 9.72
CA ARG A 8 9.34 -6.96 9.88
C ARG A 8 8.97 -5.50 9.70
N ALA A 9 9.79 -4.62 10.28
CA ALA A 9 9.55 -3.18 10.22
C ALA A 9 9.63 -2.67 8.78
N ALA A 10 10.36 -3.39 7.94
CA ALA A 10 10.48 -3.02 6.54
C ALA A 10 9.36 -3.66 5.73
N ALA A 11 9.27 -4.98 5.78
CA ALA A 11 8.34 -5.74 4.95
C ALA A 11 6.88 -5.39 5.22
N LYS A 12 6.51 -5.35 6.49
CA LYS A 12 5.11 -5.10 6.86
C LYS A 12 4.66 -3.73 6.40
N THR A 13 5.47 -2.72 6.69
CA THR A 13 5.14 -1.35 6.35
C THR A 13 5.20 -1.12 4.83
N ALA A 14 6.02 -1.89 4.13
CA ALA A 14 6.11 -1.82 2.69
C ALA A 14 4.81 -2.32 2.05
N ALA A 15 4.37 -3.49 2.49
CA ALA A 15 3.10 -4.06 2.00
C ALA A 15 1.93 -3.18 2.43
N ASP A 16 2.04 -2.64 3.64
CA ASP A 16 1.03 -1.73 4.18
C ASP A 16 0.88 -0.52 3.27
N ALA A 17 2.01 0.06 2.87
CA ALA A 17 2.02 1.22 2.01
C ALA A 17 1.44 0.90 0.64
N LEU A 18 1.85 -0.24 0.07
CA LEU A 18 1.41 -0.66 -1.24
C LEU A 18 -0.12 -0.79 -1.29
N ALA A 19 -0.69 -1.40 -0.25
CA ALA A 19 -2.13 -1.63 -0.19
C ALA A 19 -2.89 -0.32 -0.08
N ALA A 20 -2.38 0.59 0.73
CA ALA A 20 -3.02 1.88 0.95
C ALA A 20 -2.86 2.80 -0.25
N ALA A 21 -1.63 2.90 -0.76
CA ALA A 21 -1.31 3.79 -1.86
C ALA A 21 -2.13 3.47 -3.12
N LYS A 22 -2.51 2.20 -3.26
CA LYS A 22 -3.30 1.78 -4.41
C LYS A 22 -4.64 2.52 -4.44
N LYS A 23 -5.22 2.73 -3.26
CA LYS A 23 -6.51 3.42 -3.15
C LYS A 23 -6.34 4.90 -3.41
N THR A 24 -5.29 5.48 -2.83
CA THR A 24 -5.00 6.90 -2.99
C THR A 24 -4.65 7.22 -4.44
N ALA A 25 -4.03 6.26 -5.12
CA ALA A 25 -3.71 6.40 -6.53
C ALA A 25 -4.97 6.59 -7.35
N ALA A 26 -5.99 5.80 -7.05
CA ALA A 26 -7.26 5.88 -7.76
C ALA A 26 -7.95 7.22 -7.49
N ASP A 27 -7.85 7.67 -6.24
CA ASP A 27 -8.46 8.94 -5.84
C ASP A 27 -7.75 10.12 -6.50
N ALA A 28 -6.44 9.99 -6.66
CA ALA A 28 -5.63 11.02 -7.33
C ALA A 28 -6.09 11.23 -8.77
N ALA A 29 -6.63 10.17 -9.36
CA ALA A 29 -7.15 10.25 -10.73
C ALA A 29 -8.37 11.15 -10.79
N ALA A 30 -9.10 11.24 -9.69
CA ALA A 30 -10.25 12.11 -9.59
C ALA A 30 -9.80 13.56 -9.40
N ALA A 31 -8.69 13.72 -8.69
CA ALA A 31 -8.10 15.03 -8.49
C ALA A 31 -7.58 15.58 -9.81
N ALA A 32 -6.76 14.79 -10.49
CA ALA A 32 -6.18 15.18 -11.77
C ALA A 32 -7.13 14.85 -12.92
N ALA A 33 -8.42 15.08 -12.70
CA ALA A 33 -9.42 14.90 -13.74
C ALA A 33 -9.34 16.02 -14.75
N ALA A 34 -8.84 17.15 -14.27
CA ALA A 34 -8.62 18.33 -15.09
C ALA A 34 -7.63 19.25 -14.39
N ALA A 35 -6.89 20.02 -15.16
CA ALA A 35 -5.95 20.96 -14.58
C ALA A 35 -6.20 22.36 -15.14
N GLY A 1 1.28 -22.43 8.39
CA GLY A 1 2.20 -21.60 7.57
C GLY A 1 3.64 -21.98 7.81
N SER A 2 4.27 -22.53 6.80
CA SER A 2 5.65 -22.98 6.90
C SER A 2 6.62 -21.81 6.72
N MET A 3 6.97 -21.17 7.84
CA MET A 3 7.94 -20.07 7.85
C MET A 3 7.54 -18.94 6.91
N ASN A 4 6.28 -18.54 6.97
CA ASN A 4 5.79 -17.46 6.12
C ASN A 4 5.71 -16.16 6.90
N ALA A 5 5.57 -16.30 8.21
CA ALA A 5 5.43 -15.16 9.11
C ALA A 5 6.58 -14.15 8.98
N PRO A 6 7.86 -14.57 9.18
CA PRO A 6 9.01 -13.64 9.10
C PRO A 6 9.09 -12.93 7.75
N ALA A 7 8.77 -13.66 6.69
CA ALA A 7 8.82 -13.12 5.34
C ALA A 7 7.81 -11.98 5.17
N ARG A 8 6.57 -12.25 5.57
CA ARG A 8 5.50 -11.26 5.41
C ARG A 8 5.60 -10.17 6.48
N ALA A 9 6.32 -10.46 7.55
CA ALA A 9 6.51 -9.49 8.64
C ALA A 9 7.42 -8.35 8.21
N ALA A 10 8.56 -8.69 7.62
CA ALA A 10 9.51 -7.69 7.16
C ALA A 10 8.96 -6.93 5.95
N ALA A 11 8.04 -7.57 5.25
CA ALA A 11 7.42 -6.97 4.08
C ALA A 11 6.15 -6.20 4.46
N LYS A 12 5.79 -6.24 5.74
CA LYS A 12 4.57 -5.60 6.21
C LYS A 12 4.52 -4.14 5.84
N THR A 13 5.58 -3.40 6.19
CA THR A 13 5.65 -1.97 5.93
C THR A 13 5.49 -1.66 4.44
N ALA A 14 6.12 -2.48 3.59
CA ALA A 14 6.04 -2.28 2.15
C ALA A 14 4.61 -2.53 1.64
N ALA A 15 4.04 -3.65 2.04
CA ALA A 15 2.70 -4.04 1.61
C ALA A 15 1.65 -3.09 2.16
N ASP A 16 1.83 -2.68 3.42
CA ASP A 16 0.88 -1.79 4.09
C ASP A 16 0.82 -0.44 3.41
N ALA A 17 1.99 0.15 3.17
CA ALA A 17 2.08 1.44 2.50
C ALA A 17 1.52 1.36 1.10
N LEU A 18 1.79 0.25 0.42
CA LEU A 18 1.32 0.02 -0.93
C LEU A 18 -0.21 -0.10 -0.96
N ALA A 19 -0.75 -0.88 -0.02
CA ALA A 19 -2.19 -1.08 0.08
C ALA A 19 -2.91 0.25 0.30
N ALA A 20 -2.27 1.13 1.07
CA ALA A 20 -2.82 2.45 1.33
C ALA A 20 -2.67 3.35 0.10
N ALA A 21 -1.48 3.32 -0.49
CA ALA A 21 -1.18 4.15 -1.66
C ALA A 21 -2.11 3.83 -2.82
N LYS A 22 -2.56 2.58 -2.90
CA LYS A 22 -3.48 2.16 -3.93
C LYS A 22 -4.76 2.98 -3.90
N LYS A 23 -5.18 3.36 -2.70
CA LYS A 23 -6.39 4.15 -2.53
C LYS A 23 -6.16 5.57 -3.01
N THR A 24 -5.07 6.16 -2.55
CA THR A 24 -4.70 7.51 -2.92
C THR A 24 -4.47 7.63 -4.43
N ALA A 25 -3.78 6.65 -4.99
CA ALA A 25 -3.50 6.63 -6.43
C ALA A 25 -4.78 6.50 -7.24
N ALA A 26 -5.69 5.64 -6.79
CA ALA A 26 -6.97 5.45 -7.46
C ALA A 26 -7.81 6.72 -7.37
N ASP A 27 -7.77 7.34 -6.20
CA ASP A 27 -8.50 8.57 -5.95
C ASP A 27 -8.02 9.69 -6.88
N ALA A 28 -6.70 9.80 -7.02
CA ALA A 28 -6.11 10.81 -7.89
C ALA A 28 -6.41 10.54 -9.35
N ALA A 29 -6.44 9.26 -9.71
CA ALA A 29 -6.75 8.86 -11.08
C ALA A 29 -8.19 9.17 -11.44
N ALA A 30 -9.07 9.11 -10.44
CA ALA A 30 -10.48 9.41 -10.65
C ALA A 30 -10.68 10.91 -10.83
N ALA A 31 -9.93 11.69 -10.05
CA ALA A 31 -10.00 13.14 -10.13
C ALA A 31 -9.46 13.63 -11.46
N ALA A 32 -8.27 13.12 -11.83
CA ALA A 32 -7.64 13.51 -13.07
C ALA A 32 -7.85 12.45 -14.15
N ALA A 33 -9.10 12.05 -14.34
CA ALA A 33 -9.44 11.09 -15.37
C ALA A 33 -9.52 11.79 -16.71
N ALA A 34 -10.31 12.86 -16.74
CA ALA A 34 -10.44 13.69 -17.94
C ALA A 34 -10.19 15.14 -17.59
N ALA A 35 -9.43 15.35 -16.53
CA ALA A 35 -9.14 16.68 -16.04
C ALA A 35 -7.64 16.85 -15.84
N GLY A 1 -7.24 -20.28 12.58
CA GLY A 1 -6.16 -21.29 12.65
C GLY A 1 -5.40 -21.22 13.95
N SER A 2 -4.32 -21.99 14.04
CA SER A 2 -3.50 -22.01 15.24
C SER A 2 -2.50 -20.86 15.24
N MET A 3 -2.25 -20.31 14.05
CA MET A 3 -1.40 -19.14 13.94
C MET A 3 -2.21 -17.89 14.23
N ASN A 4 -1.55 -16.75 14.29
CA ASN A 4 -2.23 -15.51 14.60
C ASN A 4 -2.37 -14.64 13.36
N ALA A 5 -3.58 -14.18 13.11
CA ALA A 5 -3.84 -13.33 11.95
C ALA A 5 -3.34 -11.89 12.20
N PRO A 6 -3.69 -11.26 13.36
CA PRO A 6 -3.21 -9.91 13.67
C PRO A 6 -1.69 -9.81 13.76
N ALA A 7 -1.03 -10.97 13.87
CA ALA A 7 0.42 -11.01 13.96
C ALA A 7 1.07 -10.63 12.63
N ARG A 8 0.27 -10.66 11.57
CA ARG A 8 0.76 -10.31 10.24
C ARG A 8 0.80 -8.80 10.06
N ALA A 9 0.08 -8.07 10.92
CA ALA A 9 -0.06 -6.63 10.79
C ALA A 9 1.30 -5.92 10.78
N ALA A 10 2.14 -6.25 11.76
CA ALA A 10 3.46 -5.62 11.87
C ALA A 10 4.36 -5.98 10.69
N ALA A 11 4.09 -7.11 10.06
CA ALA A 11 4.89 -7.55 8.92
C ALA A 11 4.31 -7.02 7.61
N LYS A 12 3.04 -6.63 7.66
CA LYS A 12 2.34 -6.17 6.47
C LYS A 12 2.67 -4.72 6.14
N THR A 13 2.97 -3.94 7.18
CA THR A 13 3.08 -2.48 7.07
C THR A 13 3.93 -2.03 5.88
N ALA A 14 5.11 -2.63 5.71
CA ALA A 14 6.02 -2.23 4.65
C ALA A 14 5.39 -2.41 3.27
N ALA A 15 4.79 -3.57 3.04
CA ALA A 15 4.20 -3.86 1.74
C ALA A 15 2.85 -3.19 1.58
N ASP A 16 2.09 -3.14 2.66
CA ASP A 16 0.75 -2.56 2.66
C ASP A 16 0.81 -1.07 2.39
N ALA A 17 1.81 -0.41 2.94
CA ALA A 17 1.97 1.03 2.75
C ALA A 17 2.18 1.37 1.28
N LEU A 18 2.83 0.47 0.55
CA LEU A 18 3.05 0.67 -0.87
C LEU A 18 1.71 0.66 -1.62
N ALA A 19 0.88 -0.32 -1.30
CA ALA A 19 -0.43 -0.44 -1.92
C ALA A 19 -1.33 0.72 -1.49
N ALA A 20 -1.17 1.13 -0.23
CA ALA A 20 -1.92 2.24 0.32
C ALA A 20 -1.69 3.52 -0.47
N ALA A 21 -0.46 3.70 -0.95
CA ALA A 21 -0.10 4.88 -1.73
C ALA A 21 -0.74 4.83 -3.12
N LYS A 22 -0.85 3.63 -3.67
CA LYS A 22 -1.45 3.45 -4.98
C LYS A 22 -2.95 3.72 -4.93
N LYS A 23 -3.58 3.26 -3.86
CA LYS A 23 -5.02 3.42 -3.69
C LYS A 23 -5.43 4.89 -3.68
N THR A 24 -4.60 5.72 -3.05
CA THR A 24 -4.91 7.14 -2.93
C THR A 24 -4.95 7.82 -4.31
N ALA A 25 -4.02 7.42 -5.18
CA ALA A 25 -3.95 7.99 -6.52
C ALA A 25 -5.11 7.48 -7.36
N ALA A 26 -5.39 6.19 -7.25
CA ALA A 26 -6.47 5.57 -8.00
C ALA A 26 -7.83 6.13 -7.59
N ASP A 27 -8.04 6.24 -6.28
CA ASP A 27 -9.30 6.75 -5.74
C ASP A 27 -9.54 8.18 -6.16
N ALA A 28 -8.49 8.99 -6.10
CA ALA A 28 -8.58 10.40 -6.47
C ALA A 28 -8.99 10.55 -7.93
N ALA A 29 -8.32 9.81 -8.80
CA ALA A 29 -8.62 9.86 -10.23
C ALA A 29 -10.04 9.39 -10.51
N ALA A 30 -10.42 8.29 -9.87
CA ALA A 30 -11.74 7.71 -10.06
C ALA A 30 -12.85 8.65 -9.60
N ALA A 31 -12.57 9.43 -8.56
CA ALA A 31 -13.55 10.35 -8.00
C ALA A 31 -13.90 11.45 -8.99
N ALA A 32 -12.88 12.02 -9.63
CA ALA A 32 -13.09 13.13 -10.57
C ALA A 32 -13.68 12.64 -11.89
N ALA A 33 -13.61 11.33 -12.11
CA ALA A 33 -14.15 10.74 -13.33
C ALA A 33 -15.67 10.61 -13.25
N ALA A 34 -16.20 10.76 -12.04
CA ALA A 34 -17.65 10.65 -11.84
C ALA A 34 -18.29 12.03 -11.80
N ALA A 35 -17.76 12.96 -12.59
CA ALA A 35 -18.26 14.32 -12.61
C ALA A 35 -18.53 14.76 -14.04
N GLY A 1 17.70 -17.09 17.99
CA GLY A 1 16.29 -17.45 18.21
C GLY A 1 15.37 -16.79 17.21
N SER A 2 14.07 -16.85 17.44
CA SER A 2 13.11 -16.26 16.52
C SER A 2 12.95 -14.76 16.78
N MET A 3 13.90 -13.98 16.29
CA MET A 3 13.82 -12.53 16.41
C MET A 3 13.79 -11.88 15.05
N ASN A 4 12.88 -12.36 14.21
CA ASN A 4 12.69 -11.81 12.88
C ASN A 4 11.60 -10.74 12.92
N ALA A 5 11.12 -10.45 14.12
CA ALA A 5 10.03 -9.51 14.33
C ALA A 5 10.27 -8.15 13.67
N PRO A 6 11.44 -7.50 13.88
CA PRO A 6 11.71 -6.18 13.27
C PRO A 6 11.72 -6.24 11.75
N ALA A 7 12.39 -7.25 11.19
CA ALA A 7 12.45 -7.43 9.75
C ALA A 7 11.07 -7.77 9.18
N ARG A 8 10.33 -8.57 9.94
CA ARG A 8 8.97 -8.95 9.54
C ARG A 8 8.07 -7.72 9.52
N ALA A 9 8.20 -6.88 10.53
CA ALA A 9 7.41 -5.66 10.62
C ALA A 9 7.67 -4.75 9.43
N ALA A 10 8.94 -4.63 9.06
CA ALA A 10 9.35 -3.80 7.93
C ALA A 10 8.66 -4.22 6.65
N ALA A 11 8.56 -5.53 6.43
CA ALA A 11 7.92 -6.07 5.25
C ALA A 11 6.43 -5.80 5.28
N LYS A 12 5.86 -5.86 6.48
CA LYS A 12 4.42 -5.62 6.67
C LYS A 12 4.05 -4.19 6.28
N THR A 13 4.79 -3.22 6.83
CA THR A 13 4.52 -1.82 6.55
C THR A 13 4.78 -1.51 5.07
N ALA A 14 5.75 -2.21 4.48
CA ALA A 14 6.07 -2.04 3.08
C ALA A 14 4.88 -2.43 2.20
N ALA A 15 4.27 -3.56 2.52
CA ALA A 15 3.15 -4.07 1.73
C ALA A 15 1.87 -3.28 2.02
N ASP A 16 1.61 -3.01 3.28
CA ASP A 16 0.40 -2.32 3.70
C ASP A 16 0.36 -0.90 3.16
N ALA A 17 1.52 -0.25 3.14
CA ALA A 17 1.63 1.11 2.62
C ALA A 17 1.49 1.10 1.10
N LEU A 18 2.03 0.08 0.46
CA LEU A 18 1.94 -0.04 -0.99
C LEU A 18 0.50 -0.07 -1.45
N ALA A 19 -0.33 -0.79 -0.70
CA ALA A 19 -1.75 -0.89 -1.01
C ALA A 19 -2.46 0.44 -0.70
N ALA A 20 -2.07 1.06 0.40
CA ALA A 20 -2.66 2.34 0.81
C ALA A 20 -2.33 3.44 -0.21
N ALA A 21 -1.09 3.46 -0.66
CA ALA A 21 -0.66 4.43 -1.67
C ALA A 21 -1.36 4.16 -3.00
N LYS A 22 -1.62 2.89 -3.29
CA LYS A 22 -2.35 2.51 -4.49
C LYS A 22 -3.77 3.06 -4.43
N LYS A 23 -4.36 3.01 -3.24
CA LYS A 23 -5.70 3.54 -3.02
C LYS A 23 -5.76 5.01 -3.36
N THR A 24 -4.76 5.77 -2.91
CA THR A 24 -4.70 7.20 -3.17
C THR A 24 -4.51 7.49 -4.66
N ALA A 25 -3.77 6.62 -5.35
CA ALA A 25 -3.53 6.77 -6.78
C ALA A 25 -4.84 6.66 -7.55
N ALA A 26 -5.61 5.63 -7.25
CA ALA A 26 -6.92 5.44 -7.86
C ALA A 26 -7.88 6.53 -7.43
N ASP A 27 -7.74 6.94 -6.18
CA ASP A 27 -8.61 7.96 -5.58
C ASP A 27 -8.45 9.30 -6.29
N ALA A 28 -7.21 9.74 -6.44
CA ALA A 28 -6.90 11.02 -7.07
C ALA A 28 -7.43 11.07 -8.50
N ALA A 29 -7.33 9.95 -9.20
CA ALA A 29 -7.84 9.84 -10.57
C ALA A 29 -9.37 9.85 -10.56
N ALA A 30 -9.96 9.07 -9.66
CA ALA A 30 -11.41 8.94 -9.56
C ALA A 30 -12.07 10.27 -9.19
N ALA A 31 -11.41 11.03 -8.34
CA ALA A 31 -11.94 12.31 -7.88
C ALA A 31 -11.94 13.34 -9.02
N ALA A 32 -11.13 13.09 -10.04
CA ALA A 32 -11.03 13.99 -11.18
C ALA A 32 -12.08 13.67 -12.24
N ALA A 33 -13.04 12.81 -11.88
CA ALA A 33 -14.14 12.47 -12.77
C ALA A 33 -15.14 13.61 -12.86
N ALA A 34 -15.09 14.49 -11.87
CA ALA A 34 -15.97 15.65 -11.82
C ALA A 34 -15.24 16.84 -11.21
N ALA A 35 -15.05 17.87 -12.01
CA ALA A 35 -14.39 19.08 -11.53
C ALA A 35 -15.41 20.16 -11.22
N GLY A 1 16.89 -16.80 23.03
CA GLY A 1 16.42 -16.29 21.72
C GLY A 1 15.38 -15.21 21.89
N SER A 2 15.25 -14.35 20.90
CA SER A 2 14.32 -13.24 20.96
C SER A 2 13.38 -13.22 19.75
N MET A 3 12.13 -12.85 19.99
CA MET A 3 11.16 -12.71 18.93
C MET A 3 11.41 -11.41 18.18
N ASN A 4 11.77 -11.52 16.90
CA ASN A 4 12.10 -10.35 16.11
C ASN A 4 10.85 -9.62 15.65
N ALA A 5 10.79 -8.35 15.96
CA ALA A 5 9.69 -7.49 15.55
C ALA A 5 10.09 -6.60 14.36
N PRO A 6 11.26 -5.91 14.40
CA PRO A 6 11.74 -5.11 13.26
C PRO A 6 11.77 -5.88 11.95
N ALA A 7 12.08 -7.17 12.01
CA ALA A 7 12.07 -8.02 10.82
C ALA A 7 10.68 -8.11 10.21
N ARG A 8 9.67 -8.18 11.07
CA ARG A 8 8.29 -8.23 10.63
C ARG A 8 7.83 -6.87 10.14
N ALA A 9 8.28 -5.83 10.83
CA ALA A 9 7.93 -4.46 10.49
C ALA A 9 8.36 -4.12 9.06
N ALA A 10 9.55 -4.56 8.69
CA ALA A 10 10.08 -4.31 7.35
C ALA A 10 9.18 -4.87 6.27
N ALA A 11 8.75 -6.12 6.47
CA ALA A 11 7.93 -6.81 5.47
C ALA A 11 6.47 -6.37 5.52
N LYS A 12 6.03 -5.94 6.69
CA LYS A 12 4.64 -5.55 6.88
C LYS A 12 4.36 -4.18 6.26
N THR A 13 5.06 -3.17 6.73
CA THR A 13 4.82 -1.79 6.30
C THR A 13 5.08 -1.63 4.81
N ALA A 14 5.99 -2.44 4.27
CA ALA A 14 6.31 -2.39 2.84
C ALA A 14 5.08 -2.72 1.99
N ALA A 15 4.38 -3.77 2.39
CA ALA A 15 3.19 -4.20 1.66
C ALA A 15 2.00 -3.31 2.02
N ASP A 16 1.89 -2.98 3.31
CA ASP A 16 0.75 -2.23 3.83
C ASP A 16 0.69 -0.82 3.25
N ALA A 17 1.84 -0.14 3.20
CA ALA A 17 1.89 1.22 2.69
C ALA A 17 1.49 1.27 1.22
N LEU A 18 1.94 0.28 0.46
CA LEU A 18 1.62 0.20 -0.97
C LEU A 18 0.12 0.02 -1.16
N ALA A 19 -0.50 -0.82 -0.34
CA ALA A 19 -1.92 -1.06 -0.42
C ALA A 19 -2.71 0.22 -0.24
N ALA A 20 -2.29 1.03 0.72
CA ALA A 20 -2.94 2.31 0.99
C ALA A 20 -2.69 3.29 -0.16
N ALA A 21 -1.44 3.37 -0.60
CA ALA A 21 -1.06 4.29 -1.68
C ALA A 21 -1.75 3.92 -3.00
N LYS A 22 -2.03 2.64 -3.17
CA LYS A 22 -2.73 2.17 -4.36
C LYS A 22 -4.12 2.76 -4.43
N LYS A 23 -4.72 2.98 -3.27
CA LYS A 23 -6.04 3.59 -3.19
C LYS A 23 -5.94 5.09 -3.48
N THR A 24 -4.89 5.72 -2.98
CA THR A 24 -4.68 7.15 -3.19
C THR A 24 -4.49 7.46 -4.68
N ALA A 25 -3.83 6.55 -5.39
CA ALA A 25 -3.63 6.71 -6.82
C ALA A 25 -4.96 6.77 -7.56
N ALA A 26 -5.85 5.84 -7.21
CA ALA A 26 -7.19 5.79 -7.81
C ALA A 26 -8.01 6.99 -7.36
N ASP A 27 -7.85 7.35 -6.09
CA ASP A 27 -8.52 8.51 -5.51
C ASP A 27 -8.24 9.76 -6.33
N ALA A 28 -6.97 9.97 -6.64
CA ALA A 28 -6.55 11.11 -7.45
C ALA A 28 -7.07 11.00 -8.88
N ALA A 29 -7.02 9.79 -9.42
CA ALA A 29 -7.45 9.55 -10.80
C ALA A 29 -8.95 9.82 -10.96
N ALA A 30 -9.72 9.51 -9.93
CA ALA A 30 -11.15 9.75 -9.94
C ALA A 30 -11.46 11.22 -9.74
N ALA A 31 -10.62 11.90 -8.97
CA ALA A 31 -10.76 13.33 -8.75
C ALA A 31 -10.43 14.10 -10.03
N ALA A 32 -9.37 13.66 -10.70
CA ALA A 32 -8.98 14.21 -11.98
C ALA A 32 -9.84 13.63 -13.08
N ALA A 33 -11.12 13.98 -13.04
CA ALA A 33 -12.09 13.51 -14.02
C ALA A 33 -11.68 13.90 -15.43
N ALA A 34 -11.02 12.98 -16.10
CA ALA A 34 -10.60 13.13 -17.50
C ALA A 34 -9.55 14.23 -17.63
N ALA A 35 -8.59 14.21 -16.73
CA ALA A 35 -7.48 15.14 -16.78
C ALA A 35 -6.25 14.47 -17.36
N GLY A 1 17.36 -18.63 20.79
CA GLY A 1 16.52 -17.48 21.23
C GLY A 1 15.15 -17.52 20.60
N SER A 2 14.12 -17.56 21.44
CA SER A 2 12.75 -17.63 20.98
C SER A 2 12.35 -16.34 20.27
N MET A 3 12.25 -16.38 18.95
CA MET A 3 11.89 -15.22 18.15
C MET A 3 10.42 -15.28 17.79
N ASN A 4 9.72 -14.17 17.95
CA ASN A 4 8.29 -14.14 17.71
C ASN A 4 7.99 -13.85 16.24
N ALA A 5 7.19 -14.72 15.63
CA ALA A 5 6.84 -14.60 14.22
C ALA A 5 6.14 -13.27 13.90
N PRO A 6 5.03 -12.92 14.62
CA PRO A 6 4.31 -11.66 14.37
C PRO A 6 5.19 -10.43 14.62
N ALA A 7 6.16 -10.56 15.51
CA ALA A 7 7.08 -9.47 15.81
C ALA A 7 8.03 -9.21 14.65
N ARG A 8 8.29 -10.26 13.88
CA ARG A 8 9.14 -10.17 12.71
C ARG A 8 8.32 -9.86 11.47
N ALA A 9 7.00 -9.82 11.64
CA ALA A 9 6.09 -9.58 10.55
C ALA A 9 5.87 -8.08 10.33
N ALA A 10 6.49 -7.27 11.18
CA ALA A 10 6.35 -5.82 11.12
C ALA A 10 6.93 -5.23 9.84
N ALA A 11 7.54 -6.07 9.02
CA ALA A 11 8.07 -5.63 7.72
C ALA A 11 6.97 -5.61 6.66
N LYS A 12 5.82 -6.18 7.00
CA LYS A 12 4.72 -6.28 6.06
C LYS A 12 3.99 -4.93 5.92
N THR A 13 4.31 -4.00 6.81
CA THR A 13 3.73 -2.66 6.75
C THR A 13 4.19 -1.93 5.49
N ALA A 14 5.30 -2.37 4.92
CA ALA A 14 5.79 -1.83 3.66
C ALA A 14 4.79 -2.10 2.53
N ALA A 15 4.27 -3.32 2.51
CA ALA A 15 3.27 -3.70 1.52
C ALA A 15 1.95 -3.03 1.83
N ASP A 16 1.65 -2.89 3.12
CA ASP A 16 0.46 -2.20 3.57
C ASP A 16 0.46 -0.76 3.07
N ALA A 17 1.59 -0.09 3.22
CA ALA A 17 1.75 1.28 2.75
C ALA A 17 1.67 1.36 1.23
N LEU A 18 2.20 0.33 0.56
CA LEU A 18 2.17 0.29 -0.90
C LEU A 18 0.74 0.18 -1.40
N ALA A 19 -0.03 -0.70 -0.79
CA ALA A 19 -1.43 -0.88 -1.16
C ALA A 19 -2.23 0.39 -0.89
N ALA A 20 -1.90 1.07 0.20
CA ALA A 20 -2.54 2.33 0.55
C ALA A 20 -2.15 3.42 -0.44
N ALA A 21 -0.89 3.43 -0.85
CA ALA A 21 -0.38 4.40 -1.80
C ALA A 21 -1.14 4.29 -3.13
N LYS A 22 -1.39 3.06 -3.55
CA LYS A 22 -2.14 2.81 -4.77
C LYS A 22 -3.57 3.29 -4.62
N LYS A 23 -4.10 3.21 -3.40
CA LYS A 23 -5.45 3.68 -3.12
C LYS A 23 -5.54 5.19 -3.30
N THR A 24 -4.52 5.92 -2.87
CA THR A 24 -4.48 7.36 -3.04
C THR A 24 -4.46 7.72 -4.53
N ALA A 25 -3.73 6.94 -5.32
CA ALA A 25 -3.67 7.15 -6.76
C ALA A 25 -5.02 6.88 -7.41
N ALA A 26 -5.67 5.81 -6.96
CA ALA A 26 -6.99 5.45 -7.44
C ALA A 26 -8.00 6.54 -7.09
N ASP A 27 -7.93 7.02 -5.85
CA ASP A 27 -8.82 8.08 -5.37
C ASP A 27 -8.70 9.33 -6.25
N ALA A 28 -7.47 9.73 -6.52
CA ALA A 28 -7.20 10.90 -7.36
C ALA A 28 -7.74 10.70 -8.78
N ALA A 29 -7.62 9.48 -9.28
CA ALA A 29 -8.10 9.15 -10.62
C ALA A 29 -9.62 9.16 -10.67
N ALA A 30 -10.25 8.61 -9.64
CA ALA A 30 -11.70 8.56 -9.56
C ALA A 30 -12.29 9.97 -9.45
N ALA A 31 -11.63 10.81 -8.65
CA ALA A 31 -12.05 12.19 -8.49
C ALA A 31 -11.94 12.95 -9.81
N ALA A 32 -10.88 12.65 -10.56
CA ALA A 32 -10.65 13.32 -11.83
C ALA A 32 -11.37 12.61 -12.98
N ALA A 33 -12.38 11.82 -12.63
CA ALA A 33 -13.23 11.17 -13.62
C ALA A 33 -14.53 11.95 -13.79
N ALA A 34 -14.87 12.73 -12.77
CA ALA A 34 -16.09 13.52 -12.79
C ALA A 34 -15.83 14.92 -12.25
N ALA A 35 -14.77 15.54 -12.74
CA ALA A 35 -14.38 16.87 -12.31
C ALA A 35 -14.42 17.84 -13.49
N GLY A 1 13.33 -23.63 6.74
CA GLY A 1 13.65 -22.30 6.15
C GLY A 1 12.49 -21.33 6.27
N SER A 2 12.69 -20.28 7.05
CA SER A 2 11.68 -19.25 7.21
C SER A 2 12.36 -17.91 7.37
N MET A 3 11.65 -16.84 7.01
CA MET A 3 12.21 -15.51 7.12
C MET A 3 12.21 -15.05 8.56
N ASN A 4 13.09 -14.12 8.88
CA ASN A 4 13.21 -13.61 10.24
C ASN A 4 12.11 -12.59 10.50
N ALA A 5 11.69 -12.50 11.75
CA ALA A 5 10.59 -11.61 12.14
C ALA A 5 10.87 -10.15 11.77
N PRO A 6 12.04 -9.58 12.17
CA PRO A 6 12.40 -8.21 11.81
C PRO A 6 12.39 -7.98 10.30
N ALA A 7 12.98 -8.92 9.57
CA ALA A 7 13.09 -8.81 8.12
C ALA A 7 11.72 -8.92 7.46
N ARG A 8 10.83 -9.68 8.08
CA ARG A 8 9.47 -9.80 7.56
C ARG A 8 8.70 -8.51 7.81
N ALA A 9 8.95 -7.89 8.96
CA ALA A 9 8.29 -6.63 9.31
C ALA A 9 8.79 -5.49 8.42
N ALA A 10 10.07 -5.55 8.06
CA ALA A 10 10.67 -4.54 7.21
C ALA A 10 10.20 -4.69 5.76
N ALA A 11 9.71 -5.87 5.42
CA ALA A 11 9.19 -6.13 4.09
C ALA A 11 7.69 -5.86 4.03
N LYS A 12 7.03 -6.01 5.16
CA LYS A 12 5.60 -5.76 5.26
C LYS A 12 5.26 -4.34 4.82
N THR A 13 6.15 -3.41 5.13
CA THR A 13 5.94 -2.01 4.83
C THR A 13 5.65 -1.75 3.36
N ALA A 14 6.12 -2.64 2.48
CA ALA A 14 5.87 -2.51 1.05
C ALA A 14 4.38 -2.63 0.75
N ALA A 15 3.77 -3.73 1.18
CA ALA A 15 2.36 -3.96 0.94
C ALA A 15 1.51 -3.16 1.92
N ASP A 16 2.07 -2.91 3.10
CA ASP A 16 1.40 -2.15 4.14
C ASP A 16 1.14 -0.72 3.68
N ALA A 17 2.14 -0.10 3.09
CA ALA A 17 1.99 1.26 2.57
C ALA A 17 1.06 1.27 1.37
N LEU A 18 1.09 0.20 0.59
CA LEU A 18 0.26 0.09 -0.60
C LEU A 18 -1.23 0.02 -0.22
N ALA A 19 -1.51 -0.46 0.98
CA ALA A 19 -2.88 -0.53 1.47
C ALA A 19 -3.48 0.88 1.57
N ALA A 20 -2.74 1.79 2.21
CA ALA A 20 -3.17 3.18 2.31
C ALA A 20 -3.00 3.90 0.99
N ALA A 21 -1.96 3.50 0.26
CA ALA A 21 -1.67 4.08 -1.05
C ALA A 21 -2.81 3.83 -2.03
N LYS A 22 -3.56 2.75 -1.80
CA LYS A 22 -4.69 2.39 -2.66
C LYS A 22 -5.66 3.57 -2.83
N LYS A 23 -5.84 4.33 -1.76
CA LYS A 23 -6.71 5.50 -1.81
C LYS A 23 -6.10 6.58 -2.71
N THR A 24 -4.82 6.85 -2.51
CA THR A 24 -4.10 7.83 -3.31
C THR A 24 -3.97 7.38 -4.77
N ALA A 25 -3.83 6.08 -4.97
CA ALA A 25 -3.76 5.51 -6.31
C ALA A 25 -5.10 5.70 -7.01
N ALA A 26 -6.19 5.52 -6.28
CA ALA A 26 -7.52 5.71 -6.81
C ALA A 26 -7.75 7.20 -7.14
N ASP A 27 -7.18 8.07 -6.32
CA ASP A 27 -7.30 9.51 -6.52
C ASP A 27 -6.62 9.93 -7.82
N ALA A 28 -5.38 9.47 -7.98
CA ALA A 28 -4.61 9.79 -9.18
C ALA A 28 -5.24 9.17 -10.43
N ALA A 29 -5.86 8.00 -10.26
CA ALA A 29 -6.52 7.32 -11.36
C ALA A 29 -7.84 8.00 -11.72
N ALA A 30 -8.47 8.60 -10.72
CA ALA A 30 -9.73 9.30 -10.93
C ALA A 30 -9.50 10.62 -11.65
N ALA A 31 -8.55 11.41 -11.17
CA ALA A 31 -8.25 12.70 -11.76
C ALA A 31 -7.59 12.53 -13.13
N ALA A 32 -6.45 11.88 -13.16
CA ALA A 32 -5.71 11.68 -14.39
C ALA A 32 -5.93 10.29 -14.95
N ALA A 33 -7.17 10.03 -15.38
CA ALA A 33 -7.52 8.74 -15.95
C ALA A 33 -6.82 8.51 -17.29
N ALA A 34 -7.19 9.29 -18.29
CA ALA A 34 -6.62 9.15 -19.62
C ALA A 34 -5.53 10.20 -19.86
N ALA A 35 -4.67 10.36 -18.87
CA ALA A 35 -3.58 11.33 -18.96
C ALA A 35 -2.26 10.66 -18.59
N GLY A 1 2.79 -23.10 20.00
CA GLY A 1 2.93 -21.82 20.74
C GLY A 1 2.40 -20.64 19.95
N SER A 2 2.71 -19.43 20.42
CA SER A 2 2.26 -18.22 19.76
C SER A 2 3.19 -17.84 18.61
N MET A 3 2.67 -17.04 17.69
CA MET A 3 3.44 -16.53 16.57
C MET A 3 3.89 -15.11 16.88
N ASN A 4 5.12 -14.77 16.49
CA ASN A 4 5.65 -13.45 16.77
C ASN A 4 5.08 -12.40 15.83
N ALA A 5 3.96 -11.86 16.23
CA ALA A 5 3.29 -10.81 15.48
C ALA A 5 4.08 -9.50 15.48
N PRO A 6 4.63 -9.04 16.65
CA PRO A 6 5.41 -7.80 16.73
C PRO A 6 6.48 -7.69 15.65
N ALA A 7 7.21 -8.78 15.42
CA ALA A 7 8.27 -8.80 14.43
C ALA A 7 7.70 -8.79 13.01
N ARG A 8 6.60 -9.51 12.82
CA ARG A 8 5.99 -9.64 11.51
C ARG A 8 5.26 -8.37 11.11
N ALA A 9 4.80 -7.62 12.12
CA ALA A 9 4.11 -6.37 11.89
C ALA A 9 4.98 -5.39 11.12
N ALA A 10 6.29 -5.43 11.38
CA ALA A 10 7.24 -4.55 10.72
C ALA A 10 7.35 -4.88 9.23
N ALA A 11 7.10 -6.13 8.88
CA ALA A 11 7.18 -6.58 7.50
C ALA A 11 5.91 -6.22 6.73
N LYS A 12 4.79 -6.21 7.44
CA LYS A 12 3.51 -5.92 6.82
C LYS A 12 3.46 -4.49 6.28
N THR A 13 4.21 -3.59 6.93
CA THR A 13 4.26 -2.19 6.53
C THR A 13 4.73 -2.03 5.09
N ALA A 14 5.59 -2.94 4.65
CA ALA A 14 6.12 -2.90 3.29
C ALA A 14 5.00 -2.96 2.26
N ALA A 15 4.11 -3.91 2.43
CA ALA A 15 2.97 -4.07 1.53
C ALA A 15 1.87 -3.06 1.87
N ASP A 16 1.69 -2.83 3.17
CA ASP A 16 0.64 -1.94 3.67
C ASP A 16 0.77 -0.54 3.08
N ALA A 17 1.95 0.05 3.17
CA ALA A 17 2.19 1.41 2.70
C ALA A 17 2.07 1.50 1.17
N LEU A 18 2.44 0.42 0.50
CA LEU A 18 2.38 0.39 -0.96
C LEU A 18 0.93 0.34 -1.44
N ALA A 19 0.15 -0.57 -0.84
CA ALA A 19 -1.24 -0.75 -1.21
C ALA A 19 -2.07 0.48 -0.85
N ALA A 20 -1.71 1.12 0.25
CA ALA A 20 -2.41 2.32 0.71
C ALA A 20 -2.24 3.46 -0.28
N ALA A 21 -0.99 3.71 -0.66
CA ALA A 21 -0.66 4.82 -1.54
C ALA A 21 -1.31 4.66 -2.92
N LYS A 22 -1.22 3.46 -3.48
CA LYS A 22 -1.78 3.19 -4.80
C LYS A 22 -3.30 3.31 -4.78
N LYS A 23 -3.90 3.14 -3.61
CA LYS A 23 -5.33 3.30 -3.45
C LYS A 23 -5.69 4.77 -3.61
N THR A 24 -4.99 5.62 -2.88
CA THR A 24 -5.19 7.06 -2.92
C THR A 24 -4.96 7.61 -4.33
N ALA A 25 -3.99 7.03 -5.04
CA ALA A 25 -3.71 7.42 -6.41
C ALA A 25 -4.92 7.19 -7.30
N ALA A 26 -5.48 5.97 -7.24
CA ALA A 26 -6.65 5.62 -8.04
C ALA A 26 -7.86 6.42 -7.60
N ASP A 27 -7.99 6.61 -6.29
CA ASP A 27 -9.09 7.38 -5.72
C ASP A 27 -9.10 8.80 -6.28
N ALA A 28 -7.92 9.41 -6.33
CA ALA A 28 -7.77 10.75 -6.88
C ALA A 28 -7.98 10.75 -8.38
N ALA A 29 -7.48 9.71 -9.05
CA ALA A 29 -7.61 9.58 -10.50
C ALA A 29 -9.09 9.50 -10.91
N ALA A 30 -9.87 8.74 -10.16
CA ALA A 30 -11.29 8.58 -10.44
C ALA A 30 -12.02 9.90 -10.23
N ALA A 31 -11.64 10.62 -9.19
CA ALA A 31 -12.26 11.90 -8.85
C ALA A 31 -11.89 12.98 -9.86
N ALA A 32 -10.60 13.07 -10.17
CA ALA A 32 -10.10 14.10 -11.07
C ALA A 32 -10.50 13.83 -12.52
N ALA A 33 -11.12 12.68 -12.76
CA ALA A 33 -11.62 12.34 -14.08
C ALA A 33 -12.95 13.04 -14.34
N ALA A 34 -13.54 13.59 -13.29
CA ALA A 34 -14.80 14.29 -13.39
C ALA A 34 -14.67 15.70 -12.85
N ALA A 35 -13.48 16.27 -12.98
CA ALA A 35 -13.22 17.60 -12.47
C ALA A 35 -12.53 18.43 -13.54
N GLY A 1 18.24 -23.90 10.68
CA GLY A 1 19.08 -23.12 11.62
C GLY A 1 18.74 -21.64 11.59
N SER A 2 19.04 -20.97 10.49
CA SER A 2 18.79 -19.56 10.37
C SER A 2 17.35 -19.29 9.96
N MET A 3 16.61 -18.59 10.82
CA MET A 3 15.23 -18.23 10.54
C MET A 3 15.11 -16.71 10.44
N ASN A 4 14.42 -16.23 9.43
CA ASN A 4 14.33 -14.80 9.20
C ASN A 4 13.01 -14.24 9.69
N ALA A 5 13.12 -13.36 10.67
CA ALA A 5 11.97 -12.69 11.25
C ALA A 5 11.88 -11.23 10.77
N PRO A 6 12.99 -10.46 10.81
CA PRO A 6 13.00 -9.06 10.33
C PRO A 6 12.51 -8.93 8.89
N ALA A 7 12.81 -9.92 8.06
CA ALA A 7 12.37 -9.93 6.66
C ALA A 7 10.85 -9.87 6.58
N ARG A 8 10.18 -10.58 7.47
CA ARG A 8 8.72 -10.60 7.51
C ARG A 8 8.19 -9.27 8.02
N ALA A 9 8.94 -8.66 8.92
CA ALA A 9 8.56 -7.36 9.49
C ALA A 9 8.68 -6.27 8.43
N ALA A 10 9.77 -6.30 7.68
CA ALA A 10 10.01 -5.31 6.63
C ALA A 10 9.01 -5.48 5.49
N ALA A 11 8.58 -6.71 5.26
CA ALA A 11 7.62 -7.00 4.20
C ALA A 11 6.25 -6.36 4.50
N LYS A 12 5.85 -6.43 5.76
CA LYS A 12 4.52 -5.93 6.16
C LYS A 12 4.44 -4.42 6.02
N THR A 13 5.57 -3.73 6.19
CA THR A 13 5.61 -2.29 6.00
C THR A 13 5.43 -1.92 4.53
N ALA A 14 6.00 -2.74 3.65
CA ALA A 14 5.89 -2.51 2.22
C ALA A 14 4.45 -2.67 1.76
N ALA A 15 3.82 -3.76 2.21
CA ALA A 15 2.43 -4.02 1.87
C ALA A 15 1.51 -2.96 2.46
N ASP A 16 1.83 -2.52 3.69
CA ASP A 16 1.06 -1.51 4.38
C ASP A 16 0.98 -0.23 3.57
N ALA A 17 2.14 0.27 3.18
CA ALA A 17 2.22 1.52 2.42
C ALA A 17 1.58 1.36 1.04
N LEU A 18 1.85 0.24 0.38
CA LEU A 18 1.37 0.01 -0.98
C LEU A 18 -0.15 -0.04 -1.02
N ALA A 19 -0.76 -0.76 -0.08
CA ALA A 19 -2.22 -0.91 -0.04
C ALA A 19 -2.90 0.45 0.09
N ALA A 20 -2.36 1.29 0.97
CA ALA A 20 -2.93 2.61 1.20
C ALA A 20 -2.65 3.54 0.03
N ALA A 21 -1.41 3.56 -0.43
CA ALA A 21 -1.00 4.44 -1.52
C ALA A 21 -1.74 4.13 -2.80
N LYS A 22 -2.05 2.85 -3.01
CA LYS A 22 -2.80 2.44 -4.20
C LYS A 22 -4.18 3.08 -4.21
N LYS A 23 -4.79 3.18 -3.03
CA LYS A 23 -6.13 3.75 -2.90
C LYS A 23 -6.11 5.24 -3.21
N THR A 24 -5.11 5.94 -2.68
CA THR A 24 -4.98 7.38 -2.91
C THR A 24 -4.68 7.65 -4.39
N ALA A 25 -3.90 6.77 -5.00
CA ALA A 25 -3.59 6.88 -6.42
C ALA A 25 -4.83 6.69 -7.26
N ALA A 26 -5.66 5.72 -6.89
CA ALA A 26 -6.92 5.47 -7.58
C ALA A 26 -7.87 6.65 -7.41
N ASP A 27 -7.86 7.21 -6.21
CA ASP A 27 -8.66 8.40 -5.89
C ASP A 27 -8.27 9.55 -6.81
N ALA A 28 -6.97 9.79 -6.91
CA ALA A 28 -6.42 10.84 -7.75
C ALA A 28 -6.70 10.54 -9.22
N ALA A 29 -6.59 9.26 -9.60
CA ALA A 29 -6.84 8.83 -10.97
C ALA A 29 -8.27 9.14 -11.40
N ALA A 30 -9.19 9.08 -10.44
CA ALA A 30 -10.59 9.36 -10.71
C ALA A 30 -10.81 10.83 -11.07
N ALA A 31 -9.88 11.68 -10.63
CA ALA A 31 -9.94 13.11 -10.94
C ALA A 31 -9.48 13.35 -12.37
N ALA A 32 -8.87 12.33 -12.98
CA ALA A 32 -8.43 12.41 -14.35
C ALA A 32 -9.50 11.87 -15.29
N ALA A 33 -10.74 11.93 -14.83
CA ALA A 33 -11.88 11.58 -15.65
C ALA A 33 -11.99 12.56 -16.81
N ALA A 34 -11.55 12.10 -17.98
CA ALA A 34 -11.59 12.90 -19.21
C ALA A 34 -10.55 14.02 -19.15
N ALA A 35 -9.33 13.64 -18.81
CA ALA A 35 -8.21 14.59 -18.77
C ALA A 35 -7.01 13.96 -19.47
N GLY A 1 16.13 -7.37 -5.75
CA GLY A 1 15.37 -7.87 -4.59
C GLY A 1 16.26 -8.15 -3.40
N SER A 2 16.04 -7.44 -2.31
CA SER A 2 16.81 -7.62 -1.09
C SER A 2 16.29 -8.82 -0.30
N MET A 3 17.17 -9.49 0.42
CA MET A 3 16.80 -10.71 1.13
C MET A 3 17.30 -10.65 2.58
N ASN A 4 17.41 -9.44 3.11
CA ASN A 4 17.83 -9.25 4.48
C ASN A 4 16.62 -9.23 5.41
N ALA A 5 16.85 -9.58 6.67
CA ALA A 5 15.78 -9.73 7.65
C ALA A 5 14.97 -8.43 7.87
N PRO A 6 15.64 -7.29 8.14
CA PRO A 6 14.94 -6.01 8.36
C PRO A 6 14.02 -5.62 7.20
N ALA A 7 14.48 -5.86 5.98
CA ALA A 7 13.71 -5.52 4.80
C ALA A 7 12.50 -6.43 4.66
N ARG A 8 12.66 -7.68 5.07
CA ARG A 8 11.55 -8.64 5.05
C ARG A 8 10.57 -8.34 6.17
N ALA A 9 11.09 -7.81 7.28
CA ALA A 9 10.26 -7.42 8.40
C ALA A 9 9.45 -6.18 8.07
N ALA A 10 10.12 -5.17 7.53
CA ALA A 10 9.47 -3.92 7.15
C ALA A 10 8.70 -4.07 5.84
N ALA A 11 8.78 -5.25 5.23
CA ALA A 11 8.06 -5.53 4.01
C ALA A 11 6.55 -5.49 4.25
N LYS A 12 6.15 -5.86 5.47
CA LYS A 12 4.75 -5.80 5.87
C LYS A 12 4.26 -4.34 5.85
N THR A 13 5.06 -3.47 6.45
CA THR A 13 4.76 -2.04 6.47
C THR A 13 4.81 -1.46 5.06
N ALA A 14 5.75 -1.93 4.25
CA ALA A 14 5.87 -1.49 2.88
C ALA A 14 4.66 -1.94 2.06
N ALA A 15 4.21 -3.17 2.32
CA ALA A 15 3.02 -3.70 1.66
C ALA A 15 1.78 -2.92 2.08
N ASP A 16 1.73 -2.55 3.35
CA ASP A 16 0.64 -1.73 3.88
C ASP A 16 0.63 -0.38 3.19
N ALA A 17 1.82 0.19 3.02
CA ALA A 17 1.99 1.46 2.31
C ALA A 17 1.58 1.32 0.86
N LEU A 18 1.88 0.17 0.27
CA LEU A 18 1.51 -0.12 -1.11
C LEU A 18 -0.01 -0.22 -1.24
N ALA A 19 -0.62 -0.91 -0.29
CA ALA A 19 -2.07 -1.08 -0.27
C ALA A 19 -2.76 0.27 -0.12
N ALA A 20 -2.23 1.09 0.77
CA ALA A 20 -2.74 2.44 0.98
C ALA A 20 -2.52 3.30 -0.27
N ALA A 21 -1.34 3.17 -0.88
CA ALA A 21 -1.01 3.93 -2.08
C ALA A 21 -1.94 3.57 -3.23
N LYS A 22 -2.39 2.32 -3.25
CA LYS A 22 -3.33 1.86 -4.26
C LYS A 22 -4.64 2.65 -4.16
N LYS A 23 -5.01 2.97 -2.93
CA LYS A 23 -6.19 3.76 -2.68
C LYS A 23 -5.95 5.21 -3.07
N THR A 24 -4.80 5.74 -2.65
CA THR A 24 -4.41 7.11 -2.98
C THR A 24 -4.33 7.32 -4.49
N ALA A 25 -3.73 6.36 -5.20
CA ALA A 25 -3.58 6.46 -6.64
C ALA A 25 -4.94 6.49 -7.34
N ALA A 26 -5.82 5.57 -6.96
CA ALA A 26 -7.17 5.51 -7.52
C ALA A 26 -7.94 6.78 -7.18
N ASP A 27 -7.82 7.19 -5.93
CA ASP A 27 -8.46 8.41 -5.43
C ASP A 27 -8.02 9.63 -6.23
N ALA A 28 -6.74 9.70 -6.53
CA ALA A 28 -6.16 10.84 -7.24
C ALA A 28 -6.47 10.76 -8.73
N ALA A 29 -6.57 9.54 -9.27
CA ALA A 29 -6.81 9.35 -10.70
C ALA A 29 -8.14 9.97 -11.15
N ALA A 30 -9.09 10.02 -10.22
CA ALA A 30 -10.38 10.62 -10.50
C ALA A 30 -10.25 12.13 -10.73
N ALA A 31 -9.46 12.78 -9.88
CA ALA A 31 -9.26 14.22 -9.97
C ALA A 31 -8.25 14.57 -11.04
N ALA A 32 -7.19 13.77 -11.13
CA ALA A 32 -6.10 14.02 -12.05
C ALA A 32 -6.32 13.26 -13.36
N ALA A 33 -7.43 13.57 -14.04
CA ALA A 33 -7.76 12.93 -15.30
C ALA A 33 -6.81 13.39 -16.40
N ALA A 34 -6.23 14.57 -16.23
CA ALA A 34 -5.29 15.11 -17.19
C ALA A 34 -4.02 15.57 -16.47
N ALA A 35 -3.51 14.74 -15.59
CA ALA A 35 -2.31 15.05 -14.83
C ALA A 35 -1.44 13.82 -14.69
N GLY A 1 18.39 -16.49 10.60
CA GLY A 1 18.36 -17.29 9.36
C GLY A 1 17.63 -16.60 8.23
N SER A 2 17.36 -17.32 7.16
CA SER A 2 16.66 -16.79 6.02
C SER A 2 15.26 -16.33 6.38
N MET A 3 14.53 -17.17 7.12
CA MET A 3 13.19 -16.85 7.57
C MET A 3 13.25 -16.08 8.89
N ASN A 4 13.81 -14.88 8.84
CA ASN A 4 13.98 -14.07 10.03
C ASN A 4 12.68 -13.37 10.42
N ALA A 5 12.32 -13.51 11.68
CA ALA A 5 11.11 -12.88 12.22
C ALA A 5 11.11 -11.36 12.03
N PRO A 6 12.20 -10.64 12.40
CA PRO A 6 12.29 -9.19 12.19
C PRO A 6 12.12 -8.80 10.72
N ALA A 7 12.54 -9.70 9.83
CA ALA A 7 12.43 -9.45 8.40
C ALA A 7 10.98 -9.51 7.96
N ARG A 8 10.24 -10.47 8.52
CA ARG A 8 8.83 -10.63 8.20
C ARG A 8 8.04 -9.40 8.66
N ALA A 9 8.39 -8.90 9.83
CA ALA A 9 7.72 -7.72 10.39
C ALA A 9 7.93 -6.50 9.49
N ALA A 10 9.14 -6.37 8.98
CA ALA A 10 9.49 -5.24 8.12
C ALA A 10 8.73 -5.31 6.80
N ALA A 11 8.38 -6.52 6.37
CA ALA A 11 7.68 -6.73 5.12
C ALA A 11 6.20 -6.38 5.26
N LYS A 12 5.71 -6.43 6.50
CA LYS A 12 4.32 -6.12 6.79
C LYS A 12 4.01 -4.66 6.45
N THR A 13 4.85 -3.77 6.95
CA THR A 13 4.68 -2.34 6.74
C THR A 13 4.92 -1.97 5.27
N ALA A 14 5.86 -2.67 4.65
CA ALA A 14 6.22 -2.42 3.26
C ALA A 14 5.03 -2.60 2.33
N ALA A 15 4.32 -3.70 2.50
CA ALA A 15 3.13 -3.98 1.69
C ALA A 15 1.98 -3.07 2.09
N ASP A 16 1.86 -2.82 3.39
CA ASP A 16 0.78 -1.98 3.91
C ASP A 16 0.80 -0.59 3.29
N ALA A 17 1.98 0.01 3.24
CA ALA A 17 2.13 1.35 2.67
C ALA A 17 1.72 1.38 1.20
N LEU A 18 2.09 0.35 0.46
CA LEU A 18 1.83 0.29 -0.97
C LEU A 18 0.35 0.10 -1.27
N ALA A 19 -0.33 -0.66 -0.40
CA ALA A 19 -1.76 -0.87 -0.55
C ALA A 19 -2.51 0.46 -0.49
N ALA A 20 -2.13 1.29 0.47
CA ALA A 20 -2.76 2.60 0.65
C ALA A 20 -2.35 3.56 -0.46
N ALA A 21 -1.10 3.45 -0.88
CA ALA A 21 -0.56 4.32 -1.93
C ALA A 21 -1.37 4.21 -3.22
N LYS A 22 -1.66 2.99 -3.62
CA LYS A 22 -2.43 2.75 -4.84
C LYS A 22 -3.90 3.09 -4.64
N LYS A 23 -4.36 3.02 -3.40
CA LYS A 23 -5.73 3.40 -3.08
C LYS A 23 -5.90 4.91 -3.26
N THR A 24 -4.87 5.66 -2.91
CA THR A 24 -4.88 7.10 -3.13
C THR A 24 -4.80 7.42 -4.62
N ALA A 25 -3.88 6.74 -5.31
CA ALA A 25 -3.67 6.97 -6.74
C ALA A 25 -4.96 6.80 -7.55
N ALA A 26 -5.72 5.77 -7.21
CA ALA A 26 -6.96 5.49 -7.92
C ALA A 26 -8.00 6.58 -7.68
N ASP A 27 -8.20 6.92 -6.40
CA ASP A 27 -9.21 7.91 -6.02
C ASP A 27 -8.87 9.29 -6.56
N ALA A 28 -7.60 9.66 -6.44
CA ALA A 28 -7.13 10.96 -6.92
C ALA A 28 -7.38 11.11 -8.42
N ALA A 29 -7.16 10.03 -9.16
CA ALA A 29 -7.39 10.04 -10.60
C ALA A 29 -8.88 10.04 -10.91
N ALA A 30 -9.64 9.28 -10.14
CA ALA A 30 -11.08 9.18 -10.35
C ALA A 30 -11.76 10.51 -10.08
N ALA A 31 -11.31 11.21 -9.04
CA ALA A 31 -11.86 12.51 -8.68
C ALA A 31 -11.35 13.60 -9.61
N ALA A 32 -10.36 13.27 -10.42
CA ALA A 32 -9.76 14.23 -11.33
C ALA A 32 -10.50 14.25 -12.67
N ALA A 33 -11.81 14.41 -12.61
CA ALA A 33 -12.63 14.49 -13.80
C ALA A 33 -12.69 15.92 -14.30
N ALA A 34 -12.35 16.85 -13.42
CA ALA A 34 -12.32 18.27 -13.75
C ALA A 34 -10.89 18.76 -13.86
N ALA A 35 -9.96 17.83 -14.00
CA ALA A 35 -8.55 18.14 -14.07
C ALA A 35 -7.87 17.26 -15.12
#